data_3HD8
#
_entry.id   3HD8
#
_cell.length_a   77.351
_cell.length_b   60.300
_cell.length_c   134.187
_cell.angle_alpha   90.00
_cell.angle_beta   101.49
_cell.angle_gamma   90.00
#
_symmetry.space_group_name_H-M   'P 1 21 1'
#
loop_
_entity.id
_entity.type
_entity.pdbx_description
1 polymer 'Xylanase inhibitor'
2 polymer 'Endo-1,4-beta-xylanase A'
3 water water
#
loop_
_entity_poly.entity_id
_entity_poly.type
_entity_poly.pdbx_seq_one_letter_code
_entity_poly.pdbx_strand_id
1 'polypeptide(L)'
;EGLPVLAPVTKDTATSLYTIPFHDGASLVLDVAGLLVWSTCEGGQSPAEIACSSPTCLLANAYPAPGCPAPSCGSDRHDK
PCTAYPSNPVTGACAAGSLFHTRFAANTTDGNKPVSEVNVRVLAACAPSKLLASLPRGSTGVAGLAGSGLALPSQVASAQ
KVPNKFLLCLPTGGPGVAIFGGGPLPWPQFTQSMDYTPLVAKGGSPAHYISARSIKVENTRVPISERALATGGVMLSTRL
PYVLLRRDVYRPLVDAFTKALAAQPANGAPVARAVKPVAPFELCYDTKTLGNNPGGYWVPNVLLELDGGSDWAMTGKNSM
VDVKPGTACVAFVEMKGVDAGDGSAPAVILGGAQMEDFVLDFDMEKKRLGFLRLPHFTGCSSFNFARST
;
A,C
2 'polypeptide(L)'
;ASTDYWQNWTDGGGIVNAVNGSGGNYSVNWSNTGNFVVGKGWTTGSPFRTINYNAGVWAPNGNGYLTLYGWTRSPLIEYY
VVDSWGTYRPTGTYKGTVKSDGGTYDIYTTTRYNAPSIDGDRTTFTQYWSVRQSKRPTGSNATITFTNHVNAWKSHGMNL
GSNWAYQVMATEGYQSSGSSNVTVW
;
B,D
#
# COMPACT_ATOMS: atom_id res chain seq x y z
N GLU A 1 24.94 -24.28 -1.15
CA GLU A 1 25.33 -22.88 -1.41
C GLU A 1 25.42 -22.22 -0.03
N GLY A 2 25.37 -20.87 -0.02
CA GLY A 2 24.85 -20.05 1.06
C GLY A 2 23.36 -19.74 0.77
N LEU A 3 22.50 -20.71 1.07
CA LEU A 3 21.06 -20.61 0.91
C LEU A 3 20.38 -20.57 2.28
N PRO A 4 19.27 -19.84 2.40
CA PRO A 4 18.47 -19.90 3.61
C PRO A 4 18.03 -21.30 3.96
N VAL A 5 17.75 -21.43 5.24
CA VAL A 5 17.49 -22.73 5.85
C VAL A 5 16.12 -22.77 6.52
N LEU A 6 15.36 -23.80 6.17
CA LEU A 6 13.98 -23.90 6.50
C LEU A 6 13.81 -25.05 7.49
N ALA A 7 12.99 -24.84 8.50
CA ALA A 7 12.51 -25.88 9.38
C ALA A 7 11.01 -25.68 9.61
N PRO A 8 10.23 -26.74 9.71
CA PRO A 8 8.82 -26.63 10.08
C PRO A 8 8.71 -26.45 11.53
N VAL A 9 7.65 -25.77 11.95
CA VAL A 9 7.47 -25.39 13.32
C VAL A 9 6.27 -26.08 13.78
N THR A 10 6.38 -26.79 14.89
CA THR A 10 5.21 -27.41 15.54
C THR A 10 4.81 -26.68 16.80
N LYS A 11 3.53 -26.30 16.87
CA LYS A 11 2.93 -25.94 18.11
C LYS A 11 2.59 -27.21 18.92
N ASP A 12 3.29 -27.45 20.02
CA ASP A 12 3.00 -28.55 20.91
C ASP A 12 1.76 -28.21 21.72
N THR A 13 0.83 -29.12 21.65
CA THR A 13 -0.47 -28.93 22.22
C THR A 13 -0.41 -28.86 23.77
N ALA A 14 0.23 -29.82 24.40
CA ALA A 14 0.21 -29.82 25.89
C ALA A 14 0.91 -28.59 26.50
N THR A 15 1.95 -28.07 25.88
CA THR A 15 2.69 -26.93 26.45
C THR A 15 2.35 -25.57 25.81
N SER A 16 1.90 -25.54 24.56
CA SER A 16 1.74 -24.29 23.76
C SER A 16 3.06 -23.61 23.37
N LEU A 17 4.14 -24.38 23.44
CA LEU A 17 5.44 -23.91 23.00
C LEU A 17 5.59 -24.40 21.57
N TYR A 18 6.57 -23.86 20.86
CA TYR A 18 6.77 -24.11 19.46
C TYR A 18 8.09 -24.72 19.30
N THR A 19 8.20 -25.79 18.51
CA THR A 19 9.50 -26.45 18.25
C THR A 19 9.84 -26.63 16.78
N ILE A 20 11.10 -26.96 16.54
CA ILE A 20 11.56 -27.22 15.22
C ILE A 20 12.40 -28.51 15.28
N PRO A 21 12.42 -29.33 14.25
CA PRO A 21 13.28 -30.52 14.31
C PRO A 21 14.74 -30.10 14.35
N PHE A 22 15.52 -30.85 15.06
CA PHE A 22 16.92 -30.51 15.29
C PHE A 22 17.88 -31.53 14.64
N HIS A 23 17.92 -32.72 15.22
CA HIS A 23 18.55 -33.90 14.64
C HIS A 23 17.97 -35.18 15.30
N ASP A 24 18.08 -36.33 14.61
CA ASP A 24 17.71 -37.64 15.18
C ASP A 24 16.27 -37.76 15.61
N GLY A 25 15.32 -37.10 14.95
CA GLY A 25 13.93 -37.09 15.45
C GLY A 25 13.77 -36.55 16.89
N ALA A 26 14.63 -35.57 17.24
CA ALA A 26 14.56 -34.76 18.44
C ALA A 26 14.32 -33.29 18.02
N SER A 27 13.73 -32.49 18.88
CA SER A 27 13.38 -31.14 18.53
C SER A 27 13.84 -30.06 19.56
N LEU A 28 13.94 -28.81 19.15
CA LEU A 28 14.24 -27.71 20.09
C LEU A 28 13.11 -26.77 20.16
N VAL A 29 13.00 -26.17 21.34
CA VAL A 29 11.99 -25.14 21.62
C VAL A 29 12.44 -23.78 21.11
N LEU A 30 11.63 -23.18 20.25
CA LEU A 30 11.91 -21.85 19.74
C LEU A 30 11.74 -20.93 20.94
N ASP A 31 12.73 -20.10 21.21
CA ASP A 31 12.60 -19.16 22.31
C ASP A 31 13.13 -17.83 21.75
N VAL A 32 12.22 -16.93 21.34
CA VAL A 32 12.65 -15.75 20.56
C VAL A 32 13.58 -14.83 21.29
N ALA A 33 13.35 -14.71 22.60
CA ALA A 33 14.24 -13.99 23.52
C ALA A 33 15.47 -14.80 23.97
N GLY A 34 15.54 -16.11 23.75
CA GLY A 34 16.73 -16.88 24.12
C GLY A 34 18.06 -16.59 23.38
N LEU A 35 19.17 -16.69 24.10
CA LEU A 35 20.53 -16.36 23.57
C LEU A 35 21.38 -17.45 23.09
N LEU A 36 21.09 -18.64 23.56
CA LEU A 36 21.75 -19.83 23.21
C LEU A 36 20.95 -20.86 22.48
N VAL A 37 21.64 -21.67 21.71
CA VAL A 37 21.15 -22.96 21.36
C VAL A 37 21.66 -23.90 22.41
N TRP A 38 20.77 -24.62 23.09
CA TRP A 38 21.20 -25.72 23.96
C TRP A 38 20.38 -26.98 23.83
N SER A 39 21.00 -28.13 24.13
CA SER A 39 20.33 -29.40 24.30
C SER A 39 21.10 -30.34 25.23
N THR A 40 20.50 -31.49 25.55
CA THR A 40 21.18 -32.63 26.18
C THR A 40 22.06 -33.19 25.15
N CYS A 41 23.01 -34.02 25.56
CA CYS A 41 23.93 -34.73 24.65
C CYS A 41 24.14 -36.21 25.01
N GLU A 42 24.93 -36.88 24.13
CA GLU A 42 25.61 -38.20 24.39
C GLU A 42 27.07 -37.98 24.92
N GLY A 43 27.67 -39.02 25.53
CA GLY A 43 28.74 -38.82 26.52
C GLY A 43 30.12 -38.51 25.99
N ALA A 48 34.22 -30.10 22.90
CA ALA A 48 34.41 -29.23 21.72
C ALA A 48 34.75 -27.84 22.15
N GLU A 49 35.84 -27.36 21.59
CA GLU A 49 36.96 -27.05 22.45
C GLU A 49 36.95 -25.66 23.06
N ILE A 50 37.44 -24.63 22.36
CA ILE A 50 37.08 -23.23 22.71
C ILE A 50 37.30 -22.73 24.16
N ALA A 51 38.14 -21.69 24.30
CA ALA A 51 38.61 -21.17 25.60
C ALA A 51 37.62 -20.21 26.22
N CYS A 52 37.53 -20.26 27.54
CA CYS A 52 36.57 -19.44 28.24
C CYS A 52 36.96 -17.96 28.36
N SER A 53 38.20 -17.69 27.96
CA SER A 53 38.69 -16.34 27.74
C SER A 53 38.43 -15.81 26.32
N SER A 54 37.94 -16.71 25.44
CA SER A 54 37.73 -16.35 24.02
C SER A 54 36.58 -15.38 23.89
N PRO A 55 36.58 -14.55 22.85
CA PRO A 55 35.46 -13.67 22.59
C PRO A 55 34.14 -14.45 22.56
N THR A 56 34.12 -15.59 21.89
CA THR A 56 32.89 -16.35 21.80
C THR A 56 32.33 -16.62 23.15
N CYS A 57 33.19 -17.12 23.99
CA CYS A 57 32.75 -17.52 25.29
C CYS A 57 32.30 -16.35 26.11
N LEU A 58 33.08 -15.30 26.08
CA LEU A 58 32.75 -14.14 26.89
C LEU A 58 31.43 -13.56 26.43
N LEU A 59 31.15 -13.58 25.11
CA LEU A 59 29.88 -13.04 24.56
C LEU A 59 28.71 -13.87 24.97
N ALA A 60 28.91 -15.17 25.06
CA ALA A 60 27.89 -16.10 25.50
C ALA A 60 27.51 -15.85 26.96
N ASN A 61 28.44 -15.29 27.75
CA ASN A 61 28.13 -15.02 29.16
C ASN A 61 28.03 -13.56 29.45
N ALA A 62 27.87 -12.73 28.42
CA ALA A 62 27.86 -11.28 28.58
C ALA A 62 26.58 -10.74 29.19
N TYR A 63 25.49 -11.51 29.15
CA TYR A 63 24.25 -11.08 29.81
C TYR A 63 23.76 -12.28 30.59
N PRO A 64 24.34 -12.48 31.77
CA PRO A 64 23.96 -13.60 32.65
C PRO A 64 22.43 -13.69 32.93
N ALA A 65 21.84 -14.85 32.61
CA ALA A 65 20.39 -15.05 32.77
C ALA A 65 20.01 -15.12 34.28
N PRO A 66 18.77 -14.69 34.66
CA PRO A 66 18.33 -14.56 36.07
C PRO A 66 19.07 -15.38 37.18
N GLY A 67 18.87 -16.69 37.25
CA GLY A 67 19.39 -17.45 38.37
C GLY A 67 20.92 -17.58 38.41
N CYS A 68 21.53 -17.40 37.24
CA CYS A 68 22.91 -17.82 37.00
C CYS A 68 24.02 -16.75 37.25
N PRO A 69 25.23 -17.22 37.55
CA PRO A 69 26.39 -16.36 37.87
C PRO A 69 27.40 -16.08 36.67
N ALA A 70 28.67 -16.50 36.74
CA ALA A 70 29.61 -16.43 35.61
C ALA A 70 31.06 -16.52 36.07
N LYS A 80 41.44 -23.58 30.04
CA LYS A 80 40.13 -23.74 30.70
C LYS A 80 38.98 -23.70 29.65
N PRO A 81 38.13 -24.76 29.51
CA PRO A 81 37.05 -24.80 28.48
C PRO A 81 35.85 -23.89 28.76
N CYS A 82 35.11 -23.57 27.70
CA CYS A 82 33.98 -22.65 27.83
C CYS A 82 32.84 -23.28 28.61
N THR A 83 32.54 -22.71 29.76
CA THR A 83 31.31 -22.98 30.49
C THR A 83 30.22 -21.98 30.08
N ALA A 84 29.12 -22.47 29.52
CA ALA A 84 27.99 -21.63 29.22
C ALA A 84 26.84 -21.97 30.16
N TYR A 85 25.81 -21.11 30.16
CA TYR A 85 24.77 -21.18 31.14
C TYR A 85 23.36 -21.20 30.59
N PRO A 86 23.01 -22.31 29.98
CA PRO A 86 21.68 -22.54 29.45
C PRO A 86 20.66 -22.37 30.48
N SER A 87 19.52 -21.80 30.13
CA SER A 87 18.35 -21.69 31.00
C SER A 87 17.11 -22.22 30.28
N ASN A 88 16.17 -22.66 31.09
CA ASN A 88 14.90 -23.11 30.66
C ASN A 88 13.98 -21.89 30.64
N PRO A 89 13.37 -21.65 29.49
CA PRO A 89 12.50 -20.48 29.33
C PRO A 89 11.18 -20.55 30.08
N VAL A 90 10.68 -21.74 30.31
CA VAL A 90 9.47 -21.91 31.15
C VAL A 90 9.74 -21.70 32.66
N THR A 91 10.67 -22.50 33.25
CA THR A 91 10.84 -22.58 34.69
C THR A 91 11.80 -21.52 35.21
N GLY A 92 12.81 -21.21 34.40
CA GLY A 92 13.85 -20.26 34.73
C GLY A 92 15.04 -20.96 35.38
N ALA A 93 14.96 -22.28 35.51
CA ALA A 93 16.08 -23.04 36.00
C ALA A 93 17.24 -22.77 35.07
N CYS A 94 18.44 -22.66 35.59
CA CYS A 94 19.59 -22.74 34.71
C CYS A 94 20.69 -23.68 35.22
N ALA A 95 21.67 -23.91 34.38
CA ALA A 95 22.71 -24.85 34.68
C ALA A 95 23.97 -24.59 33.89
N ALA A 96 25.09 -24.92 34.52
CA ALA A 96 26.36 -24.95 33.83
C ALA A 96 26.34 -26.03 32.77
N GLY A 97 26.92 -25.78 31.61
CA GLY A 97 27.26 -26.84 30.69
C GLY A 97 28.29 -26.33 29.71
N SER A 98 28.99 -27.16 28.97
CA SER A 98 29.98 -26.61 28.05
C SER A 98 29.55 -26.66 26.58
N LEU A 99 30.31 -26.05 25.67
CA LEU A 99 29.91 -26.02 24.28
C LEU A 99 30.42 -27.17 23.46
N PHE A 100 29.54 -27.70 22.58
CA PHE A 100 29.88 -28.80 21.64
C PHE A 100 29.38 -28.58 20.22
N HIS A 101 30.16 -28.95 19.21
CA HIS A 101 29.72 -28.86 17.83
C HIS A 101 28.65 -29.92 17.65
N THR A 102 27.59 -29.53 16.99
CA THR A 102 26.57 -30.47 16.61
C THR A 102 25.97 -30.05 15.27
N ARG A 103 25.00 -30.82 14.81
CA ARG A 103 24.41 -30.58 13.50
C ARG A 103 22.94 -30.19 13.67
N PHE A 104 22.57 -29.12 12.97
CA PHE A 104 21.16 -28.73 12.84
C PHE A 104 20.70 -29.19 11.45
N ALA A 105 19.93 -30.26 11.41
CA ALA A 105 19.44 -30.83 10.16
C ALA A 105 18.11 -30.20 9.75
N ALA A 106 18.14 -29.63 8.56
CA ALA A 106 16.97 -29.02 7.93
C ALA A 106 17.12 -29.09 6.42
N ASN A 107 16.50 -28.16 5.71
CA ASN A 107 16.47 -28.13 4.26
C ASN A 107 16.85 -26.72 3.89
N THR A 108 17.45 -26.45 2.74
CA THR A 108 17.56 -25.08 2.23
C THR A 108 16.23 -24.74 1.60
N THR A 109 16.03 -23.48 1.23
CA THR A 109 14.75 -23.03 0.70
C THR A 109 15.01 -21.98 -0.31
N ASP A 110 14.13 -21.93 -1.29
CA ASP A 110 14.03 -20.83 -2.25
C ASP A 110 13.07 -19.77 -1.76
N GLY A 111 12.50 -19.94 -0.57
CA GLY A 111 11.45 -19.04 -0.13
C GLY A 111 10.05 -19.62 -0.15
N ASN A 112 9.81 -20.63 -0.97
CA ASN A 112 8.48 -21.19 -1.18
C ASN A 112 8.28 -22.57 -0.69
N LYS A 113 9.38 -23.30 -0.65
CA LYS A 113 9.40 -24.73 -0.35
C LYS A 113 10.81 -25.20 0.09
N PRO A 114 10.87 -26.35 0.73
CA PRO A 114 12.15 -27.06 0.97
C PRO A 114 12.84 -27.59 -0.30
N VAL A 115 14.08 -27.24 -0.55
CA VAL A 115 14.81 -27.62 -1.73
C VAL A 115 15.66 -28.85 -1.36
N SER A 116 16.85 -28.68 -0.74
CA SER A 116 17.77 -29.81 -0.45
C SER A 116 18.06 -29.94 1.04
N GLU A 117 18.38 -31.14 1.52
CA GLU A 117 18.82 -31.30 2.90
C GLU A 117 20.17 -30.65 3.11
N VAL A 118 20.43 -30.28 4.35
CA VAL A 118 21.61 -29.53 4.76
C VAL A 118 21.79 -29.87 6.27
N ASN A 119 23.03 -30.05 6.69
CA ASN A 119 23.38 -30.08 8.12
C ASN A 119 24.19 -28.83 8.38
N VAL A 120 23.77 -28.03 9.34
CA VAL A 120 24.47 -26.77 9.57
C VAL A 120 25.30 -27.01 10.81
N ARG A 121 26.60 -26.75 10.74
CA ARG A 121 27.50 -26.85 11.91
C ARG A 121 27.10 -25.83 12.90
N VAL A 122 26.66 -26.23 14.09
CA VAL A 122 26.42 -25.22 15.09
C VAL A 122 27.02 -25.56 16.48
N LEU A 123 27.10 -24.55 17.34
CA LEU A 123 27.57 -24.70 18.70
C LEU A 123 26.36 -24.63 19.62
N ALA A 124 26.28 -25.63 20.49
CA ALA A 124 25.23 -25.73 21.48
C ALA A 124 25.89 -25.97 22.82
N ALA A 125 25.19 -25.67 23.89
CA ALA A 125 25.67 -26.04 25.17
C ALA A 125 24.99 -27.30 25.55
N CYS A 126 25.74 -28.20 26.17
CA CYS A 126 25.19 -29.33 26.90
C CYS A 126 24.42 -28.83 28.06
N ALA A 127 23.32 -29.48 28.34
CA ALA A 127 22.59 -29.23 29.52
C ALA A 127 22.26 -30.57 30.11
N PRO A 128 22.18 -30.61 31.42
CA PRO A 128 21.72 -31.85 32.05
C PRO A 128 20.25 -32.05 31.74
N SER A 129 19.84 -33.31 31.67
CA SER A 129 18.43 -33.67 31.47
C SER A 129 17.37 -33.05 32.44
N LYS A 130 17.79 -32.67 33.65
CA LYS A 130 16.88 -32.10 34.62
C LYS A 130 16.38 -30.73 34.12
N LEU A 131 17.01 -30.21 33.06
CA LEU A 131 16.74 -28.87 32.53
C LEU A 131 15.58 -28.91 31.53
N LEU A 132 15.26 -30.12 31.02
CA LEU A 132 14.12 -30.35 30.14
C LEU A 132 12.78 -30.20 30.83
N ALA A 133 12.76 -29.96 32.12
CA ALA A 133 11.49 -29.85 32.80
C ALA A 133 10.52 -28.94 32.04
N SER A 134 9.35 -29.50 31.77
CA SER A 134 8.17 -28.71 31.48
C SER A 134 8.25 -28.25 30.02
N LEU A 135 9.24 -28.78 29.29
CA LEU A 135 9.38 -28.55 27.87
C LEU A 135 8.64 -29.67 27.20
N PRO A 136 8.39 -29.57 25.91
CA PRO A 136 7.56 -30.54 25.19
C PRO A 136 8.18 -31.94 25.10
N ARG A 137 7.37 -32.98 25.25
CA ARG A 137 7.87 -34.33 24.92
C ARG A 137 8.65 -34.35 23.62
N GLY A 138 9.80 -35.03 23.58
CA GLY A 138 10.59 -35.19 22.34
C GLY A 138 11.62 -34.08 22.14
N SER A 139 11.48 -33.02 22.95
CA SER A 139 12.37 -31.86 22.88
C SER A 139 13.57 -32.18 23.69
N THR A 140 14.74 -31.88 23.16
CA THR A 140 15.95 -32.03 23.94
C THR A 140 16.57 -30.72 24.35
N GLY A 141 15.88 -29.61 24.11
CA GLY A 141 16.47 -28.29 24.38
C GLY A 141 15.79 -27.07 23.79
N VAL A 142 16.60 -26.04 23.48
CA VAL A 142 16.09 -24.70 23.13
C VAL A 142 16.91 -24.06 21.98
N ALA A 143 16.19 -23.56 20.96
CA ALA A 143 16.77 -22.78 19.86
C ALA A 143 16.55 -21.37 20.30
N GLY A 144 17.55 -20.74 20.91
CA GLY A 144 17.55 -19.30 21.16
C GLY A 144 17.60 -18.49 19.87
N LEU A 145 16.73 -17.51 19.68
CA LEU A 145 16.70 -16.75 18.44
C LEU A 145 17.15 -15.28 18.54
N ALA A 146 17.38 -14.85 19.75
CA ALA A 146 17.68 -13.44 20.00
C ALA A 146 19.11 -13.13 19.65
N GLY A 147 19.29 -11.90 19.17
CA GLY A 147 20.27 -11.58 18.16
C GLY A 147 21.55 -11.59 18.86
N SER A 148 22.58 -12.18 18.29
CA SER A 148 23.64 -12.42 19.22
C SER A 148 24.81 -13.09 18.59
N GLY A 149 25.41 -13.95 19.42
CA GLY A 149 26.48 -14.81 19.02
C GLY A 149 25.89 -16.16 18.89
N LEU A 150 25.54 -16.76 20.02
CA LEU A 150 25.20 -18.18 19.99
C LEU A 150 23.75 -18.54 19.64
N ALA A 151 22.90 -17.55 19.42
CA ALA A 151 21.53 -17.81 18.94
C ALA A 151 21.58 -18.51 17.57
N LEU A 152 20.52 -19.25 17.26
CA LEU A 152 20.44 -20.04 16.08
C LEU A 152 20.53 -19.26 14.79
N PRO A 153 19.85 -18.13 14.67
CA PRO A 153 19.98 -17.37 13.42
C PRO A 153 21.38 -16.85 13.19
N SER A 154 22.05 -16.26 14.17
CA SER A 154 23.45 -15.83 13.94
C SER A 154 24.36 -16.96 13.55
N GLN A 155 24.26 -18.11 14.21
CA GLN A 155 25.12 -19.23 13.78
C GLN A 155 24.78 -19.78 12.44
N VAL A 156 23.50 -19.79 12.04
CA VAL A 156 23.17 -20.29 10.72
C VAL A 156 23.76 -19.34 9.74
N ALA A 157 23.63 -18.05 10.01
CA ALA A 157 24.16 -17.01 9.12
C ALA A 157 25.67 -17.21 8.75
N SER A 158 26.51 -17.26 9.76
CA SER A 158 27.92 -17.33 9.51
C SER A 158 28.27 -18.78 9.13
N ALA A 159 27.51 -19.78 9.59
CA ALA A 159 27.81 -21.16 9.17
C ALA A 159 27.51 -21.40 7.67
N GLN A 160 26.47 -20.75 7.15
CA GLN A 160 25.98 -20.92 5.77
C GLN A 160 26.28 -19.73 4.88
N LYS A 161 26.94 -18.69 5.42
CA LYS A 161 27.17 -17.43 4.69
C LYS A 161 25.91 -16.80 4.15
N VAL A 162 24.94 -16.51 5.03
CA VAL A 162 23.66 -15.82 4.68
C VAL A 162 23.39 -14.71 5.69
N PRO A 163 22.43 -13.81 5.40
CA PRO A 163 22.03 -12.77 6.36
C PRO A 163 21.66 -13.28 7.76
N ASN A 164 22.01 -12.44 8.72
CA ASN A 164 21.66 -12.63 10.09
C ASN A 164 20.26 -12.03 10.18
N LYS A 165 19.30 -12.91 9.94
CA LYS A 165 17.91 -12.53 9.76
C LYS A 165 17.16 -13.86 9.86
N PHE A 166 16.04 -13.84 10.53
CA PHE A 166 15.18 -14.99 10.51
C PHE A 166 13.78 -14.63 10.28
N LEU A 167 13.02 -15.65 9.87
CA LEU A 167 11.60 -15.52 9.62
C LEU A 167 10.83 -16.63 10.35
N LEU A 168 9.82 -16.20 11.10
CA LEU A 168 8.86 -17.09 11.75
C LEU A 168 7.46 -16.84 11.26
N CYS A 169 6.72 -17.94 11.12
CA CYS A 169 5.31 -17.93 10.83
C CYS A 169 4.79 -19.03 11.74
N LEU A 170 4.45 -18.67 12.95
CA LEU A 170 3.97 -19.66 13.88
C LEU A 170 2.57 -20.16 13.51
N PRO A 171 2.31 -21.47 13.61
CA PRO A 171 0.99 -22.02 13.30
C PRO A 171 0.08 -22.06 14.49
N THR A 172 -1.24 -22.03 14.20
CA THR A 172 -2.22 -22.44 15.21
C THR A 172 -2.18 -23.99 15.31
N GLY A 173 -1.86 -24.66 14.19
CA GLY A 173 -1.85 -26.13 14.11
C GLY A 173 -1.25 -26.49 12.79
N GLY A 174 -0.80 -27.73 12.63
CA GLY A 174 -0.06 -28.05 11.43
C GLY A 174 1.34 -27.39 11.44
N PRO A 175 2.18 -27.73 10.48
CA PRO A 175 3.53 -27.18 10.42
C PRO A 175 3.56 -25.75 9.89
N GLY A 176 4.11 -24.81 10.69
CA GLY A 176 4.45 -23.47 10.28
C GLY A 176 5.88 -23.41 9.80
N VAL A 177 6.47 -22.24 9.87
CA VAL A 177 7.66 -21.99 9.14
C VAL A 177 8.72 -21.21 9.96
N ALA A 178 9.96 -21.70 9.86
CA ALA A 178 11.12 -20.95 10.29
C ALA A 178 12.11 -20.97 9.20
N ILE A 179 12.46 -19.78 8.71
CA ILE A 179 13.53 -19.60 7.72
C ILE A 179 14.68 -18.74 8.30
N PHE A 180 15.91 -19.27 8.27
CA PHE A 180 17.08 -18.54 8.83
C PHE A 180 17.98 -18.10 7.70
N GLY A 181 18.15 -16.81 7.50
CA GLY A 181 19.11 -16.38 6.52
C GLY A 181 18.69 -15.53 5.38
N GLY A 182 17.47 -15.13 5.41
CA GLY A 182 17.01 -14.15 4.46
C GLY A 182 16.39 -14.87 3.33
N GLY A 183 16.61 -14.30 2.17
CA GLY A 183 16.04 -14.79 0.94
C GLY A 183 14.67 -14.17 0.69
N PRO A 184 14.04 -14.57 -0.41
CA PRO A 184 12.70 -14.09 -0.70
C PRO A 184 11.75 -14.40 0.42
N LEU A 185 10.74 -13.56 0.60
CA LEU A 185 9.74 -13.85 1.60
C LEU A 185 8.85 -14.95 1.06
N PRO A 186 8.37 -15.80 1.93
CA PRO A 186 7.33 -16.74 1.52
C PRO A 186 6.01 -16.00 1.32
N TRP A 187 5.08 -16.69 0.65
CA TRP A 187 3.73 -16.14 0.35
C TRP A 187 3.84 -14.78 -0.39
N PRO A 188 4.65 -14.78 -1.43
CA PRO A 188 4.93 -13.51 -2.13
C PRO A 188 3.66 -12.80 -2.63
N GLN A 189 2.61 -13.57 -2.86
CA GLN A 189 1.30 -12.95 -3.13
C GLN A 189 0.77 -12.02 -2.06
N PHE A 190 1.22 -12.24 -0.82
CA PHE A 190 0.77 -11.50 0.33
C PHE A 190 1.84 -10.58 0.89
N THR A 191 3.07 -11.07 0.89
CA THR A 191 4.12 -10.39 1.68
C THR A 191 4.79 -9.23 0.95
N GLN A 192 4.45 -8.96 -0.29
CA GLN A 192 4.88 -7.75 -0.91
C GLN A 192 4.41 -6.54 -0.12
N SER A 193 3.32 -6.69 0.65
CA SER A 193 2.75 -5.58 1.41
C SER A 193 3.06 -5.66 2.90
N MET A 194 4.08 -6.41 3.27
CA MET A 194 4.48 -6.49 4.63
C MET A 194 4.79 -5.11 5.17
N ASP A 195 4.27 -4.82 6.34
CA ASP A 195 4.58 -3.56 7.00
C ASP A 195 5.86 -3.75 7.85
N TYR A 196 6.48 -2.66 8.31
CA TYR A 196 7.75 -2.73 9.05
C TYR A 196 7.80 -1.73 10.22
N THR A 197 8.33 -2.19 11.37
CA THR A 197 8.49 -1.44 12.58
C THR A 197 9.96 -1.66 13.11
N PRO A 198 10.67 -0.61 13.55
CA PRO A 198 12.02 -0.77 14.08
C PRO A 198 12.12 -1.78 15.23
N LEU A 199 13.24 -2.51 15.29
CA LEU A 199 13.67 -3.16 16.49
C LEU A 199 14.42 -2.19 17.33
N VAL A 200 13.90 -1.94 18.52
CA VAL A 200 14.48 -0.97 19.42
C VAL A 200 15.50 -1.72 20.34
N ALA A 201 16.73 -1.16 20.40
CA ALA A 201 17.76 -1.58 21.36
C ALA A 201 17.34 -1.24 22.79
N LYS A 202 17.33 -2.21 23.68
CA LYS A 202 17.31 -2.00 25.12
C LYS A 202 18.69 -2.37 25.76
N GLY A 203 19.04 -1.69 26.84
CA GLY A 203 20.22 -2.08 27.59
C GLY A 203 20.30 -3.52 28.10
N GLY A 204 21.52 -4.07 28.10
CA GLY A 204 21.80 -5.42 28.58
C GLY A 204 20.87 -6.54 28.06
N SER A 205 20.54 -6.52 26.80
CA SER A 205 19.41 -7.38 26.46
C SER A 205 19.35 -7.71 24.98
N PRO A 206 19.62 -8.94 24.77
CA PRO A 206 19.42 -9.55 23.46
C PRO A 206 18.10 -9.21 22.76
N ALA A 207 17.03 -9.23 23.53
CA ALA A 207 15.65 -9.47 23.05
C ALA A 207 15.14 -8.55 21.98
N HIS A 208 13.88 -8.82 21.61
CA HIS A 208 13.16 -8.15 20.52
C HIS A 208 12.02 -7.32 21.00
N TYR A 209 12.23 -6.01 20.79
CA TYR A 209 11.40 -4.91 21.20
C TYR A 209 10.96 -4.01 20.03
N ILE A 210 9.69 -3.65 20.10
CA ILE A 210 9.07 -2.76 19.15
C ILE A 210 8.23 -1.73 19.90
N SER A 211 7.83 -0.70 19.24
CA SER A 211 7.08 0.40 19.89
C SER A 211 5.74 0.64 19.38
N ALA A 212 4.78 0.81 20.28
CA ALA A 212 3.43 1.15 19.91
C ALA A 212 3.03 2.49 20.54
N ARG A 213 2.54 3.42 19.77
CA ARG A 213 2.06 4.68 20.25
C ARG A 213 0.78 4.54 21.08
N SER A 214 -0.05 3.55 20.76
CA SER A 214 -1.39 3.43 21.26
C SER A 214 -1.98 2.03 21.00
N ILE A 215 -2.97 1.63 21.82
CA ILE A 215 -3.69 0.40 21.64
C ILE A 215 -5.08 0.81 21.37
N LYS A 216 -5.74 0.17 20.41
CA LYS A 216 -7.15 0.44 20.13
C LYS A 216 -7.95 -0.82 20.44
N VAL A 217 -9.10 -0.62 21.08
CA VAL A 217 -10.11 -1.65 21.23
C VAL A 217 -11.27 -1.22 20.36
N GLU A 218 -11.61 -2.07 19.42
CA GLU A 218 -12.55 -1.73 18.36
C GLU A 218 -12.13 -0.48 17.60
N ASN A 219 -12.83 0.64 17.74
CA ASN A 219 -12.48 1.82 16.97
C ASN A 219 -11.94 2.90 17.83
N THR A 220 -11.52 2.56 19.03
CA THR A 220 -11.31 3.59 20.03
C THR A 220 -10.13 3.31 20.95
N ARG A 221 -9.35 4.36 21.16
CA ARG A 221 -8.08 4.27 21.81
C ARG A 221 -8.23 4.04 23.32
N VAL A 222 -7.39 3.12 23.82
CA VAL A 222 -7.37 2.77 25.21
C VAL A 222 -6.61 3.90 25.90
N PRO A 223 -7.22 4.53 26.92
CA PRO A 223 -6.63 5.72 27.52
C PRO A 223 -5.42 5.31 28.32
N ILE A 224 -4.28 5.28 27.65
CA ILE A 224 -3.03 4.93 28.28
C ILE A 224 -2.09 6.02 27.86
N SER A 225 -1.29 6.45 28.81
CA SER A 225 -0.43 7.59 28.61
C SER A 225 0.23 7.74 27.25
N GLU A 226 0.38 9.02 26.97
CA GLU A 226 1.66 9.55 26.52
C GLU A 226 2.83 8.60 26.96
N ARG A 227 3.32 7.73 26.07
CA ARG A 227 4.65 7.12 26.23
C ARG A 227 4.78 6.00 27.29
N ALA A 228 3.69 5.41 27.78
CA ALA A 228 3.87 4.28 28.67
C ALA A 228 4.01 3.07 27.78
N LEU A 229 3.42 3.14 26.60
CA LEU A 229 3.77 2.21 25.56
C LEU A 229 5.10 2.68 25.02
N ALA A 230 6.14 2.52 25.84
CA ALA A 230 7.45 3.23 25.66
C ALA A 230 7.97 3.19 24.21
N THR A 231 9.21 3.60 24.03
CA THR A 231 10.02 3.17 22.90
C THR A 231 10.53 1.78 23.29
N GLY A 232 10.09 0.79 22.54
CA GLY A 232 10.47 -0.58 22.77
C GLY A 232 9.72 -1.21 23.92
N GLY A 233 8.63 -0.60 24.33
CA GLY A 233 7.79 -1.09 25.37
C GLY A 233 6.96 -2.31 24.95
N VAL A 234 7.00 -2.75 23.69
CA VAL A 234 6.42 -4.07 23.37
C VAL A 234 7.46 -5.16 23.10
N MET A 235 7.51 -6.22 23.91
CA MET A 235 8.46 -7.33 23.66
C MET A 235 7.71 -8.49 22.99
N LEU A 236 8.39 -9.23 22.15
CA LEU A 236 7.90 -10.51 21.63
C LEU A 236 8.50 -11.74 22.36
N SER A 237 7.67 -12.73 22.66
CA SER A 237 8.18 -13.93 23.29
C SER A 237 7.42 -15.10 22.85
N THR A 238 8.04 -16.26 22.79
CA THR A 238 7.35 -17.49 22.50
C THR A 238 7.27 -18.35 23.74
N ARG A 239 7.27 -17.77 24.94
CA ARG A 239 7.35 -18.61 26.10
C ARG A 239 6.00 -18.79 26.69
N LEU A 240 5.15 -17.78 26.50
CA LEU A 240 3.78 -17.95 26.89
C LEU A 240 2.84 -17.85 25.69
N PRO A 241 1.63 -18.43 25.82
CA PRO A 241 0.61 -18.33 24.76
C PRO A 241 -0.13 -16.99 24.76
N TYR A 242 -0.08 -16.36 25.93
CA TYR A 242 -0.88 -15.18 26.20
C TYR A 242 0.03 -13.96 26.33
N VAL A 243 -0.63 -12.83 26.49
CA VAL A 243 0.04 -11.55 26.55
C VAL A 243 0.18 -11.15 27.98
N LEU A 244 1.35 -10.64 28.37
CA LEU A 244 1.54 -10.03 29.68
C LEU A 244 1.51 -8.51 29.57
N LEU A 245 0.80 -7.89 30.49
CA LEU A 245 0.71 -6.45 30.57
C LEU A 245 1.08 -5.99 31.99
N ARG A 246 1.87 -4.94 32.01
CA ARG A 246 2.16 -4.14 33.16
C ARG A 246 0.83 -3.58 33.71
N ARG A 247 0.79 -3.27 35.02
CA ARG A 247 -0.37 -2.60 35.69
C ARG A 247 -1.00 -1.42 34.94
N ASP A 248 -0.22 -0.38 34.67
CA ASP A 248 -0.66 0.80 33.89
C ASP A 248 -1.23 0.52 32.50
N VAL A 249 -1.06 -0.67 31.94
CA VAL A 249 -1.78 -1.01 30.70
C VAL A 249 -2.93 -2.04 30.90
N TYR A 250 -2.80 -2.95 31.86
CA TYR A 250 -3.74 -4.01 32.01
C TYR A 250 -5.13 -3.53 32.32
N ARG A 251 -5.30 -2.80 33.41
CA ARG A 251 -6.66 -2.47 33.82
C ARG A 251 -7.37 -1.74 32.65
N PRO A 252 -6.78 -0.69 32.07
CA PRO A 252 -7.50 0.06 31.03
C PRO A 252 -7.81 -0.75 29.77
N LEU A 253 -6.94 -1.67 29.38
CA LEU A 253 -7.11 -2.43 28.15
C LEU A 253 -8.20 -3.41 28.46
N VAL A 254 -8.10 -4.06 29.61
CA VAL A 254 -9.12 -5.06 29.97
C VAL A 254 -10.50 -4.43 30.13
N ASP A 255 -10.55 -3.27 30.80
CA ASP A 255 -11.79 -2.56 30.93
C ASP A 255 -12.39 -2.21 29.60
N ALA A 256 -11.61 -1.71 28.67
CA ALA A 256 -12.15 -1.30 27.38
C ALA A 256 -12.65 -2.58 26.67
N PHE A 257 -11.91 -3.65 26.82
CA PHE A 257 -12.22 -4.86 26.14
C PHE A 257 -13.54 -5.35 26.65
N THR A 258 -13.75 -5.39 27.97
CA THR A 258 -15.03 -5.88 28.55
C THR A 258 -16.25 -4.99 28.24
N LYS A 259 -16.06 -3.66 28.17
CA LYS A 259 -17.17 -2.79 27.82
C LYS A 259 -17.54 -3.03 26.39
N ALA A 260 -16.56 -3.14 25.53
CA ALA A 260 -16.85 -3.38 24.12
C ALA A 260 -17.49 -4.81 23.94
N LEU A 261 -17.03 -5.78 24.74
CA LEU A 261 -17.63 -7.11 24.72
C LEU A 261 -19.12 -7.07 25.03
N ALA A 262 -19.45 -6.35 26.09
CA ALA A 262 -20.81 -6.18 26.54
C ALA A 262 -21.70 -5.39 25.62
N ALA A 263 -21.17 -4.65 24.64
CA ALA A 263 -21.93 -3.93 23.61
C ALA A 263 -22.33 -4.70 22.32
N GLN A 264 -22.06 -6.03 22.30
CA GLN A 264 -22.23 -6.83 21.10
C GLN A 264 -23.63 -7.45 21.04
N GLY A 268 -25.26 -7.94 16.38
CA GLY A 268 -26.15 -8.80 17.15
C GLY A 268 -25.60 -10.13 17.73
N ALA A 269 -24.76 -10.07 18.77
CA ALA A 269 -24.05 -11.22 19.23
C ALA A 269 -24.69 -11.86 20.47
N PRO A 270 -24.34 -13.09 20.77
CA PRO A 270 -24.87 -13.67 21.99
C PRO A 270 -24.35 -12.93 23.22
N VAL A 271 -25.09 -13.00 24.29
CA VAL A 271 -24.68 -12.30 25.47
C VAL A 271 -23.73 -13.25 26.13
N ALA A 272 -22.51 -12.79 26.38
CA ALA A 272 -21.46 -13.63 26.87
C ALA A 272 -21.76 -13.90 28.32
N ARG A 273 -21.49 -15.11 28.74
CA ARG A 273 -21.56 -15.50 30.12
C ARG A 273 -20.19 -15.69 30.74
N ALA A 274 -19.91 -14.97 31.84
CA ALA A 274 -18.69 -15.19 32.63
C ALA A 274 -18.71 -16.52 33.41
N VAL A 275 -17.62 -17.29 33.35
CA VAL A 275 -17.55 -18.51 34.13
C VAL A 275 -16.33 -18.50 35.06
N LYS A 276 -16.22 -19.57 35.83
CA LYS A 276 -15.20 -19.74 36.83
C LYS A 276 -13.78 -19.49 36.26
N PRO A 277 -13.23 -18.33 36.62
CA PRO A 277 -11.90 -17.91 36.25
C PRO A 277 -10.86 -19.10 36.28
N VAL A 278 -10.17 -19.41 35.20
CA VAL A 278 -9.12 -20.45 35.26
C VAL A 278 -7.73 -19.79 35.21
N ALA A 279 -6.84 -20.15 36.15
CA ALA A 279 -5.58 -19.44 36.36
C ALA A 279 -4.63 -19.68 35.18
N PRO A 280 -3.86 -18.69 34.74
CA PRO A 280 -3.71 -17.37 35.38
C PRO A 280 -4.64 -16.28 34.89
N PHE A 281 -5.67 -16.65 34.15
CA PHE A 281 -6.60 -15.71 33.53
C PHE A 281 -7.66 -15.36 34.53
N GLU A 282 -7.98 -14.08 34.60
CA GLU A 282 -8.93 -13.59 35.55
C GLU A 282 -9.95 -12.98 34.68
N LEU A 283 -10.54 -13.74 33.74
CA LEU A 283 -11.62 -13.33 32.84
C LEU A 283 -11.90 -14.47 31.82
N CYS A 284 -12.81 -15.37 32.16
CA CYS A 284 -13.21 -16.48 31.28
C CYS A 284 -14.72 -16.58 31.01
N TYR A 285 -15.04 -17.30 29.94
CA TYR A 285 -16.36 -17.34 29.36
C TYR A 285 -16.69 -18.69 28.84
N ASP A 286 -17.97 -18.93 28.67
CA ASP A 286 -18.49 -20.16 28.07
C ASP A 286 -18.63 -19.94 26.55
N THR A 287 -18.00 -20.84 25.80
CA THR A 287 -17.81 -20.70 24.40
C THR A 287 -19.12 -20.79 23.69
N LYS A 288 -20.12 -21.41 24.29
CA LYS A 288 -21.42 -21.39 23.66
C LYS A 288 -22.10 -20.02 23.77
N THR A 289 -21.57 -19.06 24.56
CA THR A 289 -22.08 -17.68 24.56
C THR A 289 -21.18 -16.66 23.86
N LEU A 290 -20.10 -17.15 23.27
CA LEU A 290 -19.29 -16.32 22.37
C LEU A 290 -19.74 -16.65 21.01
N GLY A 291 -19.97 -15.67 20.17
CA GLY A 291 -20.16 -15.95 18.76
C GLY A 291 -18.88 -16.35 18.06
N ASN A 292 -19.00 -16.65 16.79
CA ASN A 292 -17.87 -16.98 15.93
C ASN A 292 -17.92 -16.16 14.63
N ASN A 293 -16.81 -15.54 14.29
CA ASN A 293 -16.67 -14.92 12.97
C ASN A 293 -15.31 -15.30 12.34
N PRO A 294 -15.00 -14.78 11.18
CA PRO A 294 -13.74 -15.11 10.51
C PRO A 294 -12.43 -14.83 11.27
N GLY A 295 -12.50 -13.88 12.22
CA GLY A 295 -11.44 -13.57 13.11
C GLY A 295 -11.25 -14.47 14.25
N GLY A 296 -12.20 -15.40 14.46
CA GLY A 296 -12.19 -16.28 15.61
C GLY A 296 -13.29 -15.84 16.49
N TYR A 297 -13.15 -15.92 17.82
CA TYR A 297 -14.26 -15.66 18.68
C TYR A 297 -14.65 -14.24 18.54
N TRP A 298 -15.96 -14.01 18.56
CA TRP A 298 -16.49 -12.66 18.38
C TRP A 298 -16.31 -11.88 19.73
N VAL A 299 -15.16 -11.25 19.84
CA VAL A 299 -14.84 -10.34 20.94
C VAL A 299 -14.14 -9.19 20.26
N PRO A 300 -13.94 -8.07 20.93
CA PRO A 300 -13.42 -6.92 20.23
C PRO A 300 -12.05 -7.15 19.77
N ASN A 301 -11.78 -6.51 18.66
CA ASN A 301 -10.52 -6.42 18.03
C ASN A 301 -9.67 -5.50 18.84
N VAL A 302 -8.40 -5.84 19.00
CA VAL A 302 -7.46 -5.06 19.74
C VAL A 302 -6.32 -4.86 18.73
N LEU A 303 -6.00 -3.61 18.44
CA LEU A 303 -4.93 -3.27 17.53
C LEU A 303 -3.86 -2.51 18.30
N LEU A 304 -2.61 -2.91 18.11
CA LEU A 304 -1.44 -2.17 18.50
C LEU A 304 -1.12 -1.27 17.32
N GLU A 305 -1.01 0.03 17.55
CA GLU A 305 -0.61 0.95 16.51
C GLU A 305 0.89 1.12 16.58
N LEU A 306 1.64 0.44 15.73
CA LEU A 306 3.10 0.41 15.80
C LEU A 306 3.80 1.50 15.04
N ASP A 307 4.94 1.95 15.53
CA ASP A 307 5.76 2.84 14.70
C ASP A 307 5.78 2.25 13.30
N GLY A 308 5.70 3.06 12.29
CA GLY A 308 5.66 2.49 10.98
C GLY A 308 4.32 2.71 10.28
N GLY A 309 3.29 3.18 11.00
CA GLY A 309 2.01 3.53 10.44
C GLY A 309 1.06 2.38 10.14
N SER A 310 1.51 1.17 10.49
CA SER A 310 0.75 -0.06 10.36
C SER A 310 0.45 -0.65 11.72
N ASP A 311 -0.80 -1.07 11.87
CA ASP A 311 -1.31 -1.81 13.02
C ASP A 311 -1.14 -3.34 13.06
N TRP A 312 -0.91 -3.85 14.25
CA TRP A 312 -0.85 -5.27 14.56
C TRP A 312 -2.22 -5.59 15.12
N ALA A 313 -3.06 -6.22 14.29
CA ALA A 313 -4.36 -6.68 14.68
C ALA A 313 -4.32 -7.93 15.53
N MET A 314 -5.19 -7.95 16.55
CA MET A 314 -5.59 -9.14 17.25
C MET A 314 -7.06 -9.32 17.20
N THR A 315 -7.48 -10.53 16.85
CA THR A 315 -8.86 -10.89 16.83
C THR A 315 -8.99 -11.99 17.84
N GLY A 316 -10.16 -12.62 17.84
CA GLY A 316 -10.45 -13.67 18.76
C GLY A 316 -9.37 -14.74 18.75
N LYS A 317 -8.90 -15.18 17.58
CA LYS A 317 -7.90 -16.30 17.58
C LYS A 317 -6.60 -16.01 18.34
N ASN A 318 -6.32 -14.74 18.52
CA ASN A 318 -5.18 -14.19 19.26
C ASN A 318 -5.49 -13.75 20.67
N SER A 319 -6.71 -13.22 20.91
CA SER A 319 -7.03 -12.52 22.16
C SER A 319 -7.71 -13.46 23.14
N MET A 320 -8.08 -14.67 22.70
CA MET A 320 -8.75 -15.68 23.54
C MET A 320 -8.04 -17.04 23.47
N VAL A 321 -7.79 -17.64 24.63
CA VAL A 321 -7.22 -18.97 24.74
C VAL A 321 -8.27 -19.96 25.13
N ASP A 322 -8.36 -21.03 24.35
CA ASP A 322 -9.29 -22.11 24.61
C ASP A 322 -8.58 -22.93 25.66
N VAL A 323 -9.02 -22.78 26.89
CA VAL A 323 -8.38 -23.35 28.06
C VAL A 323 -8.84 -24.84 28.22
N LYS A 324 -10.15 -25.07 28.14
CA LYS A 324 -10.76 -26.41 28.10
C LYS A 324 -12.08 -26.33 27.32
N PRO A 325 -12.65 -27.45 26.87
CA PRO A 325 -13.91 -27.39 26.08
C PRO A 325 -14.96 -26.67 26.86
N GLY A 326 -15.62 -25.73 26.23
CA GLY A 326 -16.63 -24.93 26.90
C GLY A 326 -16.16 -23.60 27.45
N THR A 327 -14.87 -23.53 27.85
CA THR A 327 -14.31 -22.26 28.34
C THR A 327 -13.19 -21.66 27.46
N ALA A 328 -13.23 -20.35 27.35
CA ALA A 328 -12.19 -19.58 26.71
C ALA A 328 -11.99 -18.31 27.52
N CYS A 329 -10.73 -17.94 27.76
CA CYS A 329 -10.37 -16.86 28.65
C CYS A 329 -9.65 -15.81 27.86
N VAL A 330 -9.76 -14.55 28.28
CA VAL A 330 -9.10 -13.45 27.61
C VAL A 330 -7.65 -13.59 27.84
N ALA A 331 -6.83 -13.54 26.77
CA ALA A 331 -5.38 -13.82 26.87
C ALA A 331 -4.49 -12.60 27.23
N PHE A 332 -4.99 -11.76 28.12
CA PHE A 332 -4.23 -10.66 28.72
C PHE A 332 -4.16 -11.01 30.18
N VAL A 333 -2.93 -11.09 30.72
CA VAL A 333 -2.63 -11.44 32.12
C VAL A 333 -1.79 -10.31 32.65
N GLU A 334 -1.96 -9.94 33.92
CA GLU A 334 -1.20 -8.85 34.51
C GLU A 334 0.18 -9.29 34.94
N MET A 335 1.18 -8.41 34.83
CA MET A 335 2.50 -8.68 35.41
C MET A 335 2.39 -8.47 36.91
N LYS A 336 2.85 -9.47 37.67
CA LYS A 336 2.90 -9.41 39.14
C LYS A 336 4.31 -9.11 39.58
N GLY A 337 4.47 -8.28 40.63
CA GLY A 337 5.80 -7.94 41.18
C GLY A 337 6.39 -6.62 40.65
N VAL A 338 5.46 -5.74 40.22
CA VAL A 338 5.72 -4.69 39.22
C VAL A 338 4.94 -3.39 39.51
N ASP A 339 5.66 -2.28 39.52
CA ASP A 339 5.07 -0.93 39.47
C ASP A 339 4.56 -0.51 38.04
N ALA A 340 3.60 0.45 38.05
CA ALA A 340 3.08 1.12 36.85
C ALA A 340 4.08 2.12 36.25
N GLY A 341 4.48 1.90 34.99
CA GLY A 341 5.53 2.67 34.36
C GLY A 341 6.93 2.38 34.93
N ASP A 342 7.22 1.11 35.28
CA ASP A 342 8.61 0.71 35.67
C ASP A 342 9.35 0.44 34.34
N GLY A 343 10.04 1.48 33.84
CA GLY A 343 10.71 1.51 32.55
C GLY A 343 11.40 0.21 32.19
N SER A 344 12.15 -0.36 33.14
CA SER A 344 12.86 -1.66 32.91
C SER A 344 11.94 -2.75 32.30
N ALA A 345 10.80 -3.01 32.96
CA ALA A 345 9.79 -3.96 32.43
C ALA A 345 9.03 -3.44 31.16
N PRO A 346 8.90 -4.26 30.12
CA PRO A 346 8.10 -3.83 28.97
C PRO A 346 6.65 -3.67 29.41
N ALA A 347 5.98 -2.77 28.73
CA ALA A 347 4.55 -2.54 28.92
C ALA A 347 3.64 -3.71 28.44
N VAL A 348 4.08 -4.45 27.42
CA VAL A 348 3.34 -5.52 26.81
C VAL A 348 4.34 -6.57 26.36
N ILE A 349 4.21 -7.79 26.88
CA ILE A 349 4.88 -8.91 26.25
C ILE A 349 3.79 -9.69 25.44
N LEU A 350 3.95 -9.68 24.13
CA LEU A 350 3.06 -10.37 23.23
C LEU A 350 3.58 -11.75 23.03
N GLY A 351 2.66 -12.68 23.13
CA GLY A 351 2.98 -14.09 23.14
C GLY A 351 2.76 -14.76 21.83
N GLY A 352 2.88 -16.09 21.86
CA GLY A 352 2.86 -16.89 20.67
C GLY A 352 1.52 -16.82 20.01
N ALA A 353 0.44 -16.91 20.74
CA ALA A 353 -0.87 -16.85 20.07
C ALA A 353 -1.18 -15.53 19.41
N GLN A 354 -0.47 -14.48 19.82
CA GLN A 354 -0.56 -13.19 19.19
C GLN A 354 0.34 -13.04 17.98
N MET A 355 1.11 -14.05 17.63
CA MET A 355 1.98 -14.05 16.46
C MET A 355 1.67 -15.13 15.45
N GLU A 356 0.78 -16.04 15.81
CA GLU A 356 0.37 -17.15 14.96
C GLU A 356 -0.28 -16.56 13.68
N ASP A 357 -0.01 -17.14 12.52
CA ASP A 357 -0.52 -16.63 11.27
C ASP A 357 -0.05 -15.20 10.97
N PHE A 358 1.01 -14.75 11.63
CA PHE A 358 1.79 -13.64 11.14
C PHE A 358 3.07 -14.11 10.52
N VAL A 359 3.38 -13.57 9.40
CA VAL A 359 4.71 -13.76 8.82
C VAL A 359 5.52 -12.67 9.51
N LEU A 360 6.53 -13.07 10.27
CA LEU A 360 7.37 -12.14 11.05
C LEU A 360 8.77 -12.19 10.51
N ASP A 361 9.23 -11.12 9.93
CA ASP A 361 10.60 -11.04 9.47
C ASP A 361 11.53 -10.32 10.47
N PHE A 362 12.37 -11.05 11.20
CA PHE A 362 13.25 -10.43 12.23
C PHE A 362 14.55 -10.12 11.60
N ASP A 363 14.71 -8.86 11.19
CA ASP A 363 15.86 -8.42 10.41
C ASP A 363 16.80 -7.67 11.34
N MET A 364 17.74 -8.40 11.90
CA MET A 364 18.66 -7.87 12.91
C MET A 364 19.69 -6.91 12.27
N GLU A 365 20.12 -7.20 11.05
CA GLU A 365 20.98 -6.30 10.26
C GLU A 365 20.38 -4.91 10.02
N LYS A 366 19.08 -4.79 9.79
CA LYS A 366 18.50 -3.48 9.52
C LYS A 366 17.68 -3.00 10.65
N LYS A 367 17.72 -3.68 11.79
CA LYS A 367 17.00 -3.25 13.02
C LYS A 367 15.50 -3.01 12.75
N ARG A 368 14.89 -4.05 12.21
CA ARG A 368 13.47 -3.98 11.89
C ARG A 368 12.79 -5.35 11.88
N LEU A 369 11.51 -5.28 12.22
CA LEU A 369 10.66 -6.42 12.27
C LEU A 369 9.66 -6.18 11.20
N GLY A 370 9.67 -7.04 10.19
CA GLY A 370 8.55 -7.14 9.29
C GLY A 370 7.40 -7.96 9.89
N PHE A 371 6.15 -7.48 9.73
CA PHE A 371 5.00 -8.22 10.19
C PHE A 371 3.86 -8.14 9.21
N LEU A 372 3.17 -9.23 9.03
CA LEU A 372 2.02 -9.29 8.14
C LEU A 372 1.09 -10.36 8.65
N ARG A 373 -0.09 -9.97 9.03
CA ARG A 373 -1.15 -10.91 9.41
C ARG A 373 -1.63 -11.56 8.09
N LEU A 374 -1.58 -12.89 8.01
CA LEU A 374 -2.03 -13.55 6.78
C LEU A 374 -3.56 -13.52 6.72
N PRO A 375 -4.17 -13.61 5.56
CA PRO A 375 -5.64 -13.60 5.47
C PRO A 375 -6.32 -14.64 6.33
N HIS A 376 -7.53 -14.37 6.74
CA HIS A 376 -8.30 -15.27 7.57
C HIS A 376 -8.50 -16.65 6.92
N PHE A 377 -8.41 -16.78 5.60
CA PHE A 377 -8.76 -18.07 5.03
C PHE A 377 -7.53 -18.98 4.84
N THR A 378 -6.38 -18.52 5.29
CA THR A 378 -5.22 -19.36 5.32
C THR A 378 -4.50 -19.12 6.64
N GLY A 379 -3.30 -19.69 6.73
CA GLY A 379 -2.49 -19.68 7.93
C GLY A 379 -1.11 -20.11 7.58
N CYS A 380 -0.24 -20.06 8.59
CA CYS A 380 1.14 -20.53 8.47
C CYS A 380 1.31 -21.96 7.98
N SER A 381 0.31 -22.78 8.18
CA SER A 381 0.48 -24.17 7.82
C SER A 381 0.29 -24.50 6.36
N SER A 382 -0.08 -23.53 5.54
CA SER A 382 -0.25 -23.63 4.09
C SER A 382 1.02 -23.48 3.29
N PHE A 383 2.19 -23.46 3.93
CA PHE A 383 3.46 -23.41 3.21
C PHE A 383 3.71 -24.78 2.58
N ASN A 384 4.13 -24.93 1.27
CA ASN A 384 4.82 -26.20 0.74
C ASN A 384 4.81 -27.04 -0.74
N PHE A 385 5.15 -28.37 -0.74
CA PHE A 385 6.02 -29.13 -1.79
C PHE A 385 5.20 -29.85 -2.92
N ALA A 386 4.33 -29.04 -3.59
CA ALA A 386 3.05 -29.34 -4.23
C ALA A 386 2.76 -30.79 -4.46
N SER B 2 -34.10 -14.76 -2.84
CA SER B 2 -33.60 -13.49 -2.36
C SER B 2 -33.02 -13.72 -0.97
N THR B 3 -32.18 -12.77 -0.58
CA THR B 3 -31.21 -13.00 0.50
C THR B 3 -31.69 -12.70 1.90
N ASP B 4 -31.17 -13.38 2.90
CA ASP B 4 -31.62 -13.18 4.27
C ASP B 4 -30.44 -13.13 5.21
N TYR B 5 -29.23 -13.04 4.66
CA TYR B 5 -28.01 -13.16 5.44
C TYR B 5 -27.03 -12.03 5.09
N TRP B 6 -26.48 -11.43 6.10
CA TRP B 6 -25.58 -10.33 5.94
C TRP B 6 -24.29 -10.59 6.75
N GLN B 7 -23.17 -10.40 6.08
CA GLN B 7 -21.90 -10.60 6.67
C GLN B 7 -21.04 -9.34 6.50
N ASN B 8 -20.57 -8.87 7.64
CA ASN B 8 -19.69 -7.78 7.69
C ASN B 8 -18.68 -7.93 8.86
N TRP B 9 -17.50 -8.38 8.48
CA TRP B 9 -16.40 -8.61 9.34
C TRP B 9 -15.19 -7.89 8.79
N THR B 10 -14.46 -7.32 9.72
CA THR B 10 -13.15 -6.75 9.47
C THR B 10 -12.25 -7.16 10.66
N ASP B 11 -10.94 -7.20 10.43
CA ASP B 11 -10.02 -7.47 11.51
C ASP B 11 -9.55 -6.18 12.15
N GLY B 12 -10.10 -5.03 11.69
CA GLY B 12 -9.92 -3.78 12.38
C GLY B 12 -8.91 -2.91 11.67
N GLY B 13 -8.19 -3.52 10.75
CA GLY B 13 -7.24 -2.78 9.97
C GLY B 13 -7.85 -1.91 8.89
N GLY B 14 -7.40 -0.67 8.87
CA GLY B 14 -7.70 0.24 7.81
C GLY B 14 -9.10 0.74 8.03
N ILE B 15 -9.70 1.15 6.90
CA ILE B 15 -11.10 1.61 6.84
C ILE B 15 -11.98 0.74 5.94
N VAL B 16 -13.06 0.16 6.46
CA VAL B 16 -13.92 -0.70 5.68
C VAL B 16 -15.34 -0.19 5.79
N ASN B 17 -15.84 0.53 4.78
CA ASN B 17 -17.22 1.04 4.82
C ASN B 17 -18.10 0.20 3.96
N ALA B 18 -18.90 -0.58 4.65
CA ALA B 18 -19.78 -1.56 4.07
C ALA B 18 -21.22 -1.06 4.27
N VAL B 19 -22.04 -1.15 3.21
CA VAL B 19 -23.39 -0.72 3.22
C VAL B 19 -24.29 -1.95 2.89
N ASN B 20 -25.26 -2.20 3.79
CA ASN B 20 -26.27 -3.17 3.61
C ASN B 20 -27.39 -2.39 2.95
N GLY B 21 -27.44 -2.48 1.62
CA GLY B 21 -28.34 -1.75 0.77
C GLY B 21 -29.66 -2.47 0.76
N SER B 22 -30.57 -1.97 -0.06
CA SER B 22 -31.86 -2.61 -0.34
C SER B 22 -31.83 -3.98 -1.06
N GLY B 23 -32.78 -4.82 -0.69
CA GLY B 23 -32.86 -6.20 -1.14
C GLY B 23 -31.54 -6.94 -0.94
N GLY B 24 -31.06 -7.52 -2.04
CA GLY B 24 -29.78 -8.20 -2.11
C GLY B 24 -28.55 -7.35 -2.44
N ASN B 25 -28.69 -6.02 -2.45
CA ASN B 25 -27.60 -5.10 -2.73
C ASN B 25 -26.69 -4.74 -1.49
N TYR B 26 -25.40 -4.67 -1.80
CA TYR B 26 -24.40 -4.28 -0.81
C TYR B 26 -23.27 -3.55 -1.54
N SER B 27 -22.56 -2.67 -0.84
CA SER B 27 -21.36 -2.06 -1.40
C SER B 27 -20.34 -2.08 -0.32
N VAL B 28 -19.06 -2.02 -0.69
CA VAL B 28 -17.97 -1.84 0.24
C VAL B 28 -16.99 -0.89 -0.42
N ASN B 29 -16.53 0.11 0.31
CA ASN B 29 -15.39 0.88 -0.05
C ASN B 29 -14.42 0.74 1.06
N TRP B 30 -13.17 0.44 0.72
CA TRP B 30 -12.19 0.13 1.73
C TRP B 30 -10.84 0.64 1.35
N SER B 31 -10.03 0.93 2.34
CA SER B 31 -8.67 1.35 2.08
C SER B 31 -7.75 0.98 3.24
N ASN B 32 -6.50 0.72 2.88
CA ASN B 32 -5.39 0.46 3.78
C ASN B 32 -5.69 -0.65 4.70
N THR B 33 -6.20 -1.75 4.17
CA THR B 33 -6.75 -2.79 5.01
C THR B 33 -5.67 -3.77 5.31
N GLY B 34 -5.97 -4.43 6.44
CA GLY B 34 -5.63 -5.74 6.73
C GLY B 34 -6.65 -6.66 6.07
N ASN B 35 -7.80 -6.90 6.67
CA ASN B 35 -8.60 -8.04 6.17
C ASN B 35 -10.10 -8.00 6.56
N PHE B 36 -10.96 -8.18 5.56
CA PHE B 36 -12.40 -8.05 5.72
C PHE B 36 -13.18 -8.95 4.77
N VAL B 37 -14.42 -9.22 5.09
CA VAL B 37 -15.27 -10.01 4.23
C VAL B 37 -16.64 -9.45 4.41
N VAL B 38 -17.22 -9.13 3.28
CA VAL B 38 -18.53 -8.59 3.30
C VAL B 38 -19.35 -9.28 2.26
N GLY B 39 -20.56 -9.71 2.58
CA GLY B 39 -21.46 -10.17 1.55
C GLY B 39 -22.91 -10.38 1.95
N LYS B 40 -23.71 -10.87 1.02
CA LYS B 40 -25.06 -11.29 1.25
C LYS B 40 -25.31 -12.61 0.59
N GLY B 41 -26.11 -13.41 1.24
CA GLY B 41 -26.58 -14.63 0.66
C GLY B 41 -27.62 -15.21 1.59
N TRP B 42 -27.46 -16.45 1.98
CA TRP B 42 -28.51 -17.14 2.71
C TRP B 42 -27.98 -17.82 3.95
N THR B 43 -28.77 -17.72 4.99
CA THR B 43 -28.51 -18.39 6.23
C THR B 43 -28.35 -19.90 6.04
N THR B 44 -29.08 -20.45 5.08
CA THR B 44 -28.98 -21.87 4.80
C THR B 44 -28.57 -22.03 3.35
N GLY B 45 -27.37 -22.60 3.15
CA GLY B 45 -26.85 -22.87 1.85
C GLY B 45 -27.56 -24.06 1.27
N SER B 46 -27.42 -24.23 -0.03
CA SER B 46 -27.95 -25.42 -0.67
C SER B 46 -27.07 -25.76 -1.88
N PRO B 47 -26.82 -27.05 -2.10
CA PRO B 47 -26.06 -27.45 -3.25
C PRO B 47 -26.80 -27.24 -4.53
N PHE B 48 -28.09 -26.85 -4.55
CA PHE B 48 -28.87 -26.74 -5.76
C PHE B 48 -29.17 -25.34 -6.06
N ARG B 49 -28.80 -24.44 -5.20
CA ARG B 49 -28.92 -23.02 -5.52
C ARG B 49 -28.19 -22.55 -6.79
N THR B 50 -28.91 -21.75 -7.53
CA THR B 50 -28.40 -20.90 -8.61
C THR B 50 -28.30 -19.47 -8.06
N ILE B 51 -27.06 -18.98 -7.97
CA ILE B 51 -26.82 -17.69 -7.41
C ILE B 51 -26.84 -16.82 -8.57
N ASN B 52 -27.60 -15.75 -8.50
CA ASN B 52 -27.49 -14.72 -9.51
C ASN B 52 -26.96 -13.48 -8.85
N TYR B 53 -26.01 -12.81 -9.50
CA TYR B 53 -25.45 -11.59 -8.95
C TYR B 53 -25.05 -10.69 -10.06
N ASN B 54 -24.95 -9.41 -9.75
CA ASN B 54 -24.48 -8.39 -10.66
C ASN B 54 -23.57 -7.55 -9.86
N ALA B 55 -22.32 -7.58 -10.23
CA ALA B 55 -21.33 -6.84 -9.52
C ALA B 55 -21.13 -5.60 -10.37
N GLY B 56 -21.84 -4.54 -10.05
CA GLY B 56 -21.82 -3.31 -10.83
C GLY B 56 -20.52 -2.57 -10.72
N VAL B 57 -19.85 -2.77 -9.59
CA VAL B 57 -18.43 -2.39 -9.37
C VAL B 57 -17.62 -3.49 -8.78
N TRP B 58 -16.50 -3.74 -9.43
CA TRP B 58 -15.44 -4.60 -8.92
C TRP B 58 -14.10 -3.92 -9.21
N ALA B 59 -13.58 -3.22 -8.18
CA ALA B 59 -12.43 -2.32 -8.32
C ALA B 59 -11.50 -2.49 -7.15
N PRO B 60 -10.83 -3.60 -7.14
CA PRO B 60 -9.79 -3.84 -6.16
C PRO B 60 -8.43 -3.23 -6.62
N ASN B 61 -7.71 -2.75 -5.64
CA ASN B 61 -6.32 -2.31 -5.80
C ASN B 61 -5.50 -3.13 -4.84
N GLY B 62 -4.98 -4.29 -5.26
CA GLY B 62 -4.36 -5.23 -4.35
C GLY B 62 -5.19 -6.52 -4.24
N ASN B 63 -5.01 -7.28 -3.16
CA ASN B 63 -5.69 -8.56 -2.98
C ASN B 63 -7.18 -8.31 -2.63
N GLY B 64 -8.00 -9.10 -3.27
CA GLY B 64 -9.41 -9.05 -3.05
C GLY B 64 -10.04 -10.17 -3.83
N TYR B 65 -11.12 -10.71 -3.33
CA TYR B 65 -11.77 -11.81 -3.96
C TYR B 65 -13.25 -11.60 -4.06
N LEU B 66 -13.79 -11.95 -5.24
CA LEU B 66 -15.19 -11.85 -5.51
C LEU B 66 -15.65 -13.29 -5.62
N THR B 67 -16.35 -13.76 -4.62
CA THR B 67 -16.53 -15.16 -4.47
C THR B 67 -17.81 -15.55 -3.72
N LEU B 68 -18.36 -16.66 -4.14
CA LEU B 68 -19.38 -17.35 -3.42
C LEU B 68 -18.64 -18.23 -2.44
N TYR B 69 -19.10 -18.31 -1.22
CA TYR B 69 -18.44 -19.12 -0.29
C TYR B 69 -19.38 -19.41 0.85
N GLY B 70 -19.06 -20.43 1.61
CA GLY B 70 -19.97 -20.92 2.60
C GLY B 70 -19.44 -22.16 3.30
N TRP B 71 -20.32 -22.74 4.09
CA TRP B 71 -19.96 -23.88 4.90
C TRP B 71 -20.96 -25.03 4.90
N THR B 72 -20.45 -26.22 5.18
CA THR B 72 -21.24 -27.33 5.68
C THR B 72 -20.69 -27.76 7.01
N ARG B 73 -21.54 -28.38 7.82
CA ARG B 73 -21.12 -29.33 8.83
C ARG B 73 -21.43 -30.78 8.44
N SER B 74 -20.86 -31.71 9.17
CA SER B 74 -21.05 -33.16 9.00
C SER B 74 -20.70 -33.71 7.60
N PRO B 75 -19.45 -33.50 7.19
CA PRO B 75 -18.41 -32.79 7.96
C PRO B 75 -18.28 -31.30 7.72
N LEU B 76 -17.44 -30.69 8.54
CA LEU B 76 -17.14 -29.29 8.51
C LEU B 76 -16.26 -29.05 7.31
N ILE B 77 -16.82 -28.40 6.30
CA ILE B 77 -16.16 -27.96 5.08
C ILE B 77 -16.43 -26.46 4.81
N GLU B 78 -15.40 -25.73 4.43
CA GLU B 78 -15.59 -24.42 3.84
C GLU B 78 -15.37 -24.50 2.30
N TYR B 79 -16.19 -23.85 1.53
CA TYR B 79 -16.08 -23.88 0.13
C TYR B 79 -16.12 -22.46 -0.51
N TYR B 80 -15.57 -22.37 -1.71
CA TYR B 80 -15.37 -21.09 -2.41
C TYR B 80 -15.56 -21.28 -3.90
N VAL B 81 -16.32 -20.38 -4.52
CA VAL B 81 -16.38 -20.26 -5.96
C VAL B 81 -15.92 -18.86 -6.35
N VAL B 82 -14.69 -18.73 -6.82
CA VAL B 82 -14.06 -17.41 -6.91
C VAL B 82 -14.18 -17.07 -8.36
N ASP B 83 -14.90 -15.98 -8.65
CA ASP B 83 -15.29 -15.61 -9.99
C ASP B 83 -14.33 -14.47 -10.42
N SER B 84 -13.80 -13.72 -9.47
CA SER B 84 -12.85 -12.72 -9.82
C SER B 84 -12.01 -12.45 -8.64
N TRP B 85 -10.92 -11.70 -8.88
CA TRP B 85 -9.95 -11.34 -7.85
C TRP B 85 -9.17 -10.02 -8.16
N GLY B 86 -8.23 -9.68 -7.31
CA GLY B 86 -7.43 -8.51 -7.48
C GLY B 86 -6.13 -8.83 -8.14
N THR B 87 -5.04 -8.51 -7.41
CA THR B 87 -3.70 -8.81 -7.84
C THR B 87 -3.38 -10.31 -7.89
N TYR B 88 -3.90 -11.11 -6.99
CA TYR B 88 -3.52 -12.49 -6.96
C TYR B 88 -4.66 -13.50 -7.08
N ARG B 89 -4.45 -14.54 -7.88
CA ARG B 89 -5.47 -15.57 -8.02
C ARG B 89 -5.33 -16.75 -7.04
N PRO B 90 -6.25 -16.98 -6.13
CA PRO B 90 -5.98 -18.01 -5.11
C PRO B 90 -5.88 -19.40 -5.74
N THR B 91 -4.96 -20.19 -5.23
CA THR B 91 -4.80 -21.57 -5.65
C THR B 91 -4.61 -22.52 -4.47
N GLY B 92 -4.40 -23.76 -4.75
CA GLY B 92 -4.10 -24.73 -3.71
C GLY B 92 -3.70 -26.03 -4.32
N THR B 93 -4.03 -27.12 -3.67
CA THR B 93 -3.82 -28.47 -4.27
C THR B 93 -4.81 -28.74 -5.46
N TYR B 94 -4.26 -28.92 -6.66
CA TYR B 94 -5.08 -29.05 -7.82
C TYR B 94 -5.77 -30.37 -7.83
N LYS B 95 -7.05 -30.34 -8.21
CA LYS B 95 -7.87 -31.52 -8.22
C LYS B 95 -8.57 -31.81 -9.51
N GLY B 96 -8.58 -30.89 -10.45
CA GLY B 96 -9.48 -30.94 -11.58
C GLY B 96 -10.04 -29.59 -11.99
N THR B 97 -10.76 -29.61 -13.11
CA THR B 97 -11.38 -28.41 -13.64
C THR B 97 -12.76 -28.72 -14.12
N VAL B 98 -13.63 -27.72 -14.12
CA VAL B 98 -15.05 -27.81 -14.39
C VAL B 98 -15.46 -26.57 -15.23
N LYS B 99 -16.23 -26.79 -16.29
CA LYS B 99 -16.85 -25.72 -17.03
C LYS B 99 -18.24 -25.42 -16.44
N SER B 100 -18.50 -24.15 -16.16
CA SER B 100 -19.83 -23.72 -15.65
C SER B 100 -20.03 -22.23 -15.93
N ASP B 101 -21.23 -21.90 -16.36
CA ASP B 101 -21.66 -20.53 -16.54
C ASP B 101 -20.77 -19.71 -17.41
N GLY B 102 -20.34 -20.30 -18.52
CA GLY B 102 -19.49 -19.65 -19.51
C GLY B 102 -18.05 -19.60 -19.15
N GLY B 103 -17.66 -20.14 -17.99
CA GLY B 103 -16.27 -20.14 -17.50
C GLY B 103 -15.70 -21.53 -17.26
N THR B 104 -14.37 -21.59 -17.21
CA THR B 104 -13.69 -22.71 -16.76
C THR B 104 -13.06 -22.34 -15.41
N TYR B 105 -13.31 -23.21 -14.42
CA TYR B 105 -12.76 -23.10 -13.08
C TYR B 105 -11.78 -24.29 -12.80
N ASP B 106 -10.71 -24.04 -12.05
CA ASP B 106 -9.85 -25.09 -11.47
C ASP B 106 -10.30 -25.36 -10.05
N ILE B 107 -10.20 -26.61 -9.65
CA ILE B 107 -10.74 -27.03 -8.39
C ILE B 107 -9.53 -27.25 -7.53
N TYR B 108 -9.58 -26.75 -6.30
CA TYR B 108 -8.44 -26.85 -5.42
C TYR B 108 -8.94 -27.24 -4.07
N THR B 109 -8.14 -27.96 -3.33
CA THR B 109 -8.34 -28.09 -1.89
C THR B 109 -7.14 -27.50 -1.09
N THR B 110 -7.44 -27.14 0.11
CA THR B 110 -6.51 -26.53 1.01
C THR B 110 -6.97 -27.12 2.40
N THR B 111 -6.16 -27.08 3.42
CA THR B 111 -6.59 -27.57 4.71
C THR B 111 -6.27 -26.55 5.77
N ARG B 112 -7.09 -26.45 6.79
CA ARG B 112 -6.88 -25.54 7.91
C ARG B 112 -6.86 -26.32 9.25
N TYR B 113 -5.84 -26.05 10.08
CA TYR B 113 -5.64 -26.69 11.39
C TYR B 113 -5.74 -25.73 12.55
N ASN B 114 -6.49 -26.14 13.58
CA ASN B 114 -6.84 -25.30 14.77
C ASN B 114 -7.12 -23.84 14.37
N ALA B 115 -7.94 -23.71 13.33
CA ALA B 115 -8.28 -22.48 12.67
C ALA B 115 -9.69 -22.15 13.01
N PRO B 116 -10.05 -20.88 12.90
CA PRO B 116 -11.42 -20.42 13.07
C PRO B 116 -12.41 -20.97 12.06
N SER B 117 -13.65 -21.14 12.50
CA SER B 117 -14.72 -21.62 11.72
C SER B 117 -16.05 -21.33 12.35
N ILE B 118 -17.10 -21.77 11.69
CA ILE B 118 -18.42 -21.73 12.31
C ILE B 118 -18.59 -22.65 13.56
N ASP B 119 -17.59 -23.51 13.84
CA ASP B 119 -17.67 -24.44 14.96
C ASP B 119 -16.82 -23.99 16.15
N GLY B 120 -16.18 -22.82 16.05
CA GLY B 120 -15.22 -22.47 17.06
C GLY B 120 -13.94 -21.90 16.51
N ASP B 121 -13.09 -21.54 17.47
CA ASP B 121 -11.94 -20.68 17.33
C ASP B 121 -10.81 -21.58 16.95
N ARG B 122 -10.90 -22.88 17.29
CA ARG B 122 -9.82 -23.86 17.11
C ARG B 122 -10.33 -25.15 16.52
N THR B 123 -10.27 -25.27 15.21
CA THR B 123 -11.03 -26.25 14.49
C THR B 123 -10.27 -26.75 13.32
N THR B 124 -10.59 -27.92 12.80
CA THR B 124 -9.87 -28.51 11.65
C THR B 124 -10.80 -28.82 10.47
N PHE B 125 -10.44 -28.38 9.28
CA PHE B 125 -11.32 -28.61 8.18
C PHE B 125 -10.61 -28.50 6.86
N THR B 126 -11.26 -29.00 5.81
CA THR B 126 -10.78 -28.86 4.46
C THR B 126 -11.56 -27.77 3.82
N GLN B 127 -10.91 -27.02 2.96
CA GLN B 127 -11.61 -26.05 2.13
C GLN B 127 -11.61 -26.56 0.69
N TYR B 128 -12.72 -26.36 -0.02
CA TYR B 128 -12.85 -26.71 -1.43
C TYR B 128 -12.95 -25.39 -2.20
N TRP B 129 -12.30 -25.30 -3.35
CA TRP B 129 -12.30 -24.12 -4.13
C TRP B 129 -12.61 -24.45 -5.58
N SER B 130 -13.51 -23.70 -6.19
CA SER B 130 -13.50 -23.53 -7.61
C SER B 130 -13.12 -22.12 -7.91
N VAL B 131 -12.01 -21.95 -8.60
CA VAL B 131 -11.45 -20.63 -8.93
C VAL B 131 -11.40 -20.50 -10.48
N ARG B 132 -12.06 -19.48 -11.02
CA ARG B 132 -12.11 -19.37 -12.46
C ARG B 132 -10.70 -19.18 -13.08
N GLN B 133 -10.51 -19.57 -14.35
CA GLN B 133 -9.15 -19.50 -14.92
C GLN B 133 -8.71 -18.09 -15.22
N SER B 134 -9.66 -17.25 -15.56
CA SER B 134 -9.38 -15.85 -15.75
C SER B 134 -10.63 -15.09 -15.16
N LYS B 135 -10.45 -13.79 -14.92
CA LYS B 135 -11.44 -13.03 -14.17
C LYS B 135 -12.74 -12.99 -14.95
N ARG B 136 -13.81 -13.28 -14.26
CA ARG B 136 -15.07 -13.16 -14.87
C ARG B 136 -15.35 -11.69 -15.08
N PRO B 137 -15.77 -11.33 -16.27
CA PRO B 137 -16.32 -9.98 -16.47
C PRO B 137 -17.44 -9.69 -15.48
N THR B 138 -17.49 -8.43 -15.09
CA THR B 138 -18.46 -7.94 -14.12
C THR B 138 -19.28 -6.81 -14.76
N GLY B 139 -20.40 -6.45 -14.16
CA GLY B 139 -21.25 -5.39 -14.72
C GLY B 139 -22.57 -5.92 -15.24
N SER B 140 -22.63 -7.21 -15.58
CA SER B 140 -23.83 -7.85 -16.02
C SER B 140 -24.28 -9.00 -15.10
N ASN B 141 -25.48 -9.43 -15.29
CA ASN B 141 -26.01 -10.46 -14.51
C ASN B 141 -25.26 -11.65 -14.78
N ALA B 142 -24.92 -12.37 -13.70
CA ALA B 142 -24.01 -13.51 -13.79
C ALA B 142 -24.54 -14.61 -12.94
N THR B 143 -24.40 -15.83 -13.40
CA THR B 143 -24.94 -16.97 -12.73
C THR B 143 -23.87 -17.88 -12.21
N ILE B 144 -24.06 -18.37 -10.97
CA ILE B 144 -23.24 -19.46 -10.47
C ILE B 144 -24.16 -20.65 -10.28
N THR B 145 -24.06 -21.63 -11.14
CA THR B 145 -24.88 -22.82 -11.03
C THR B 145 -24.10 -23.74 -10.09
N PHE B 146 -24.29 -23.48 -8.81
CA PHE B 146 -23.56 -24.15 -7.79
C PHE B 146 -23.56 -25.68 -7.88
N THR B 147 -24.54 -26.32 -8.53
CA THR B 147 -24.60 -27.80 -8.65
C THR B 147 -23.50 -28.34 -9.47
N ASN B 148 -23.19 -27.60 -10.53
CA ASN B 148 -22.06 -27.91 -11.39
C ASN B 148 -20.79 -28.02 -10.66
N HIS B 149 -20.60 -27.15 -9.66
CA HIS B 149 -19.40 -27.18 -8.80
C HIS B 149 -19.46 -28.34 -7.81
N VAL B 150 -20.58 -28.45 -7.12
CA VAL B 150 -20.83 -29.59 -6.22
C VAL B 150 -20.55 -30.95 -6.88
N ASN B 151 -21.15 -31.19 -8.05
CA ASN B 151 -20.96 -32.42 -8.81
C ASN B 151 -19.57 -32.61 -9.22
N ALA B 152 -18.88 -31.57 -9.72
CA ALA B 152 -17.48 -31.72 -10.11
C ALA B 152 -16.60 -31.99 -8.90
N TRP B 153 -16.87 -31.38 -7.75
CA TRP B 153 -16.12 -31.69 -6.53
C TRP B 153 -16.37 -33.14 -6.14
N LYS B 154 -17.61 -33.54 -6.18
CA LYS B 154 -17.97 -34.94 -5.83
C LYS B 154 -17.26 -35.93 -6.70
N SER B 155 -17.19 -35.65 -7.99
CA SER B 155 -16.47 -36.51 -8.91
C SER B 155 -14.96 -36.62 -8.63
N HIS B 156 -14.42 -35.78 -7.75
CA HIS B 156 -13.00 -35.80 -7.44
C HIS B 156 -12.78 -36.11 -5.96
N GLY B 157 -13.74 -36.79 -5.33
CA GLY B 157 -13.58 -37.24 -3.97
C GLY B 157 -13.77 -36.19 -2.90
N MET B 158 -14.29 -35.03 -3.30
CA MET B 158 -14.54 -33.93 -2.40
C MET B 158 -16.02 -33.84 -1.99
N ASN B 159 -16.39 -34.55 -0.94
CA ASN B 159 -17.79 -34.57 -0.56
C ASN B 159 -18.06 -33.51 0.45
N LEU B 160 -19.17 -32.83 0.29
CA LEU B 160 -19.60 -31.83 1.26
C LEU B 160 -20.36 -32.49 2.40
N GLY B 161 -20.43 -31.81 3.55
CA GLY B 161 -21.26 -32.26 4.63
C GLY B 161 -22.74 -32.25 4.29
N SER B 162 -23.54 -32.99 5.06
CA SER B 162 -25.01 -33.10 4.79
C SER B 162 -25.75 -31.90 5.27
N ASN B 163 -25.13 -31.05 6.07
CA ASN B 163 -25.91 -29.99 6.56
C ASN B 163 -25.26 -28.61 6.32
N TRP B 164 -26.05 -27.73 5.77
CA TRP B 164 -25.58 -26.50 5.06
C TRP B 164 -25.84 -25.20 5.84
N ALA B 165 -24.81 -24.44 6.08
CA ALA B 165 -24.89 -23.26 6.92
C ALA B 165 -24.77 -22.19 5.90
N TYR B 166 -24.21 -21.05 6.24
CA TYR B 166 -24.38 -19.85 5.38
C TYR B 166 -23.66 -19.99 4.03
N GLN B 167 -24.10 -19.24 3.05
CA GLN B 167 -23.69 -19.39 1.67
C GLN B 167 -23.82 -17.94 1.17
N VAL B 168 -22.72 -17.23 0.94
CA VAL B 168 -22.80 -15.79 0.63
C VAL B 168 -22.03 -15.43 -0.58
N MET B 169 -22.51 -14.44 -1.32
CA MET B 169 -21.74 -13.86 -2.41
C MET B 169 -20.93 -12.75 -1.79
N ALA B 170 -19.65 -12.97 -1.64
CA ALA B 170 -18.84 -12.07 -0.84
C ALA B 170 -17.78 -11.25 -1.60
N THR B 171 -17.37 -10.20 -0.91
CA THR B 171 -16.24 -9.40 -1.22
C THR B 171 -15.26 -9.57 -0.05
N GLU B 172 -14.10 -10.12 -0.32
CA GLU B 172 -13.05 -10.30 0.60
C GLU B 172 -11.89 -9.47 0.13
N GLY B 173 -11.30 -8.74 1.04
CA GLY B 173 -10.26 -7.79 0.66
C GLY B 173 -9.15 -7.99 1.64
N TYR B 174 -7.94 -7.86 1.15
CA TYR B 174 -6.83 -7.85 2.05
C TYR B 174 -5.47 -7.19 1.61
N GLN B 175 -4.83 -6.56 2.58
CA GLN B 175 -3.71 -5.66 2.35
C GLN B 175 -3.90 -4.87 1.12
N SER B 176 -4.99 -4.11 1.10
CA SER B 176 -5.47 -3.50 -0.12
C SER B 176 -6.44 -2.38 0.11
N SER B 177 -6.81 -1.78 -1.01
CA SER B 177 -7.89 -0.79 -1.12
C SER B 177 -8.86 -1.24 -2.18
N GLY B 178 -10.06 -0.70 -2.20
CA GLY B 178 -11.05 -1.11 -3.16
C GLY B 178 -12.46 -0.60 -2.93
N SER B 179 -13.24 -0.81 -3.99
CA SER B 179 -14.70 -0.61 -4.00
C SER B 179 -15.34 -1.85 -4.64
N SER B 180 -16.48 -2.22 -4.12
CA SER B 180 -17.29 -3.28 -4.64
C SER B 180 -18.75 -2.85 -4.58
N ASN B 181 -19.53 -3.12 -5.59
CA ASN B 181 -20.98 -2.99 -5.48
C ASN B 181 -21.63 -4.17 -6.13
N VAL B 182 -22.30 -4.95 -5.29
CA VAL B 182 -22.79 -6.25 -5.68
C VAL B 182 -24.23 -6.40 -5.32
N THR B 183 -25.02 -6.92 -6.26
CA THR B 183 -26.43 -7.22 -5.98
C THR B 183 -26.65 -8.71 -6.20
N VAL B 184 -27.15 -9.37 -5.16
CA VAL B 184 -27.41 -10.78 -5.19
C VAL B 184 -28.91 -11.04 -5.22
N TRP B 185 -29.30 -12.05 -6.01
CA TRP B 185 -30.60 -12.70 -5.85
C TRP B 185 -30.51 -14.25 -5.98
N GLU C 1 11.77 -3.85 -32.97
CA GLU C 1 10.85 -4.83 -32.30
C GLU C 1 9.32 -4.43 -32.41
N GLY C 2 8.51 -5.11 -31.57
CA GLY C 2 7.32 -4.53 -30.95
C GLY C 2 7.68 -3.89 -29.60
N LEU C 3 8.24 -2.72 -29.64
CA LEU C 3 8.53 -1.98 -28.41
C LEU C 3 7.63 -0.76 -28.30
N PRO C 4 7.21 -0.43 -27.08
CA PRO C 4 6.43 0.78 -26.87
C PRO C 4 7.14 2.01 -27.47
N VAL C 5 6.32 3.05 -27.74
CA VAL C 5 6.72 4.26 -28.38
C VAL C 5 6.50 5.45 -27.46
N LEU C 6 7.54 6.30 -27.37
CA LEU C 6 7.60 7.47 -26.53
C LEU C 6 7.67 8.74 -27.38
N ALA C 7 6.90 9.75 -26.98
CA ALA C 7 6.99 11.07 -27.51
C ALA C 7 6.94 11.96 -26.31
N PRO C 8 7.64 13.11 -26.35
CA PRO C 8 7.58 14.11 -25.28
C PRO C 8 6.39 14.88 -25.50
N VAL C 9 5.84 15.50 -24.44
CA VAL C 9 4.62 16.22 -24.47
C VAL C 9 4.94 17.64 -24.12
N THR C 10 4.47 18.61 -24.90
CA THR C 10 4.62 19.99 -24.55
C THR C 10 3.31 20.66 -24.12
N LYS C 11 3.27 21.33 -23.02
CA LYS C 11 2.14 22.18 -22.80
C LYS C 11 2.41 23.52 -23.55
N ASP C 12 1.48 23.86 -24.46
CA ASP C 12 1.52 25.10 -25.20
C ASP C 12 0.97 26.18 -24.34
N THR C 13 1.75 27.23 -24.22
CA THR C 13 1.47 28.31 -23.32
C THR C 13 0.22 29.05 -23.71
N ALA C 14 0.21 29.55 -24.93
CA ALA C 14 -0.90 30.41 -25.34
C ALA C 14 -2.28 29.70 -25.38
N THR C 15 -2.31 28.39 -25.64
CA THR C 15 -3.59 27.62 -25.71
C THR C 15 -3.90 26.72 -24.52
N SER C 16 -2.90 26.36 -23.72
CA SER C 16 -3.01 25.33 -22.64
C SER C 16 -3.31 23.88 -23.15
N LEU C 17 -3.16 23.69 -24.46
CA LEU C 17 -3.36 22.39 -25.06
C LEU C 17 -2.00 21.70 -25.06
N TYR C 18 -1.97 20.37 -25.22
CA TYR C 18 -0.76 19.57 -25.08
C TYR C 18 -0.46 18.91 -26.37
N THR C 19 0.80 18.88 -26.76
CA THR C 19 1.18 18.33 -28.07
C THR C 19 2.34 17.39 -28.02
N ILE C 20 2.50 16.67 -29.12
CA ILE C 20 3.59 15.74 -29.25
C ILE C 20 4.16 16.03 -30.64
N PRO C 21 5.41 15.79 -30.86
CA PRO C 21 5.93 15.88 -32.23
C PRO C 21 5.31 14.79 -33.05
N PHE C 22 5.14 15.08 -34.32
CA PHE C 22 4.50 14.17 -35.25
C PHE C 22 5.48 13.74 -36.38
N HIS C 23 5.80 14.66 -37.29
CA HIS C 23 6.86 14.47 -38.29
C HIS C 23 7.30 15.87 -38.74
N ASP C 24 8.51 16.02 -39.30
CA ASP C 24 8.94 17.31 -39.93
C ASP C 24 8.96 18.55 -39.02
N GLY C 25 9.26 18.43 -37.73
CA GLY C 25 9.05 19.59 -36.84
C GLY C 25 7.61 20.19 -36.92
N ALA C 26 6.61 19.31 -37.13
CA ALA C 26 5.17 19.58 -36.98
C ALA C 26 4.61 18.72 -35.84
N SER C 27 3.64 19.25 -35.09
CA SER C 27 3.12 18.57 -33.89
C SER C 27 1.61 18.31 -33.98
N LEU C 28 1.12 17.34 -33.19
CA LEU C 28 -0.32 17.14 -33.07
C LEU C 28 -0.80 17.42 -31.67
N VAL C 29 -2.05 17.82 -31.58
CA VAL C 29 -2.68 18.05 -30.28
C VAL C 29 -3.15 16.72 -29.72
N LEU C 30 -2.75 16.46 -28.47
CA LEU C 30 -3.31 15.37 -27.70
C LEU C 30 -4.76 15.70 -27.29
N ASP C 31 -5.70 14.86 -27.77
CA ASP C 31 -7.10 14.96 -27.45
C ASP C 31 -7.55 13.63 -26.88
N VAL C 32 -7.65 13.54 -25.54
CA VAL C 32 -7.96 12.21 -24.96
C VAL C 32 -9.29 11.62 -25.36
N ALA C 33 -10.32 12.46 -25.52
CA ALA C 33 -11.60 12.05 -26.07
C ALA C 33 -11.68 11.99 -27.61
N GLY C 34 -10.71 12.47 -28.37
CA GLY C 34 -10.80 12.35 -29.83
C GLY C 34 -10.57 10.97 -30.39
N LEU C 35 -11.26 10.63 -31.49
CA LEU C 35 -11.27 9.29 -32.11
C LEU C 35 -10.36 9.10 -33.28
N LEU C 36 -9.93 10.19 -33.86
CA LEU C 36 -9.07 10.16 -35.01
C LEU C 36 -7.71 10.69 -34.75
N VAL C 37 -6.76 10.21 -35.52
CA VAL C 37 -5.60 11.02 -35.87
C VAL C 37 -5.91 11.83 -37.12
N TRP C 38 -5.82 13.16 -37.04
CA TRP C 38 -5.90 13.98 -38.25
C TRP C 38 -4.88 15.09 -38.31
N SER C 39 -4.50 15.46 -39.54
CA SER C 39 -3.67 16.65 -39.82
C SER C 39 -3.90 17.16 -41.24
N THR C 40 -3.37 18.35 -41.52
CA THR C 40 -3.23 18.86 -42.90
C THR C 40 -2.28 17.93 -43.64
N CYS C 41 -2.25 18.08 -44.97
CA CYS C 41 -1.31 17.36 -45.85
C CYS C 41 -0.78 18.18 -47.03
N GLU C 42 0.22 17.61 -47.72
CA GLU C 42 0.69 18.07 -49.05
C GLU C 42 -0.30 17.57 -50.17
N GLY C 43 -0.18 18.06 -51.40
CA GLY C 43 -1.26 17.92 -52.39
C GLY C 43 -1.48 16.62 -53.19
N GLU C 49 -5.64 4.60 -49.57
CA GLU C 49 -6.66 4.13 -50.52
C GLU C 49 -7.98 3.73 -49.85
N ILE C 50 -8.25 2.45 -49.53
CA ILE C 50 -9.34 2.09 -48.57
C ILE C 50 -10.83 2.48 -48.90
N ALA C 51 -11.72 1.48 -48.95
CA ALA C 51 -13.09 1.68 -49.42
C ALA C 51 -13.99 2.16 -48.31
N CYS C 52 -14.95 3.01 -48.65
CA CYS C 52 -15.80 3.59 -47.61
C CYS C 52 -16.82 2.62 -47.05
N SER C 53 -17.05 1.55 -47.77
CA SER C 53 -17.85 0.45 -47.24
C SER C 53 -17.01 -0.43 -46.30
N SER C 54 -15.70 -0.21 -46.19
CA SER C 54 -14.81 -1.09 -45.38
C SER C 54 -15.10 -0.99 -43.85
N PRO C 55 -14.79 -2.02 -43.11
CA PRO C 55 -14.95 -1.93 -41.67
C PRO C 55 -14.18 -0.72 -41.17
N THR C 56 -12.92 -0.53 -41.57
CA THR C 56 -12.15 0.60 -41.07
C THR C 56 -12.90 1.89 -41.24
N CYS C 57 -13.41 2.09 -42.44
CA CYS C 57 -14.08 3.34 -42.71
C CYS C 57 -15.35 3.54 -41.92
N LEU C 58 -16.14 2.48 -41.81
CA LEU C 58 -17.43 2.53 -41.14
C LEU C 58 -17.21 2.79 -39.64
N LEU C 59 -16.15 2.21 -39.08
CA LEU C 59 -15.84 2.38 -37.64
C LEU C 59 -15.42 3.81 -37.37
N ALA C 60 -14.66 4.37 -38.30
CA ALA C 60 -14.25 5.76 -38.23
C ALA C 60 -15.46 6.74 -38.30
N ASN C 61 -16.59 6.32 -38.86
CA ASN C 61 -17.77 7.18 -38.88
C ASN C 61 -18.88 6.69 -38.05
N ALA C 62 -18.60 5.72 -37.19
CA ALA C 62 -19.61 5.09 -36.34
C ALA C 62 -20.18 5.96 -35.21
N TYR C 63 -19.46 6.98 -34.81
CA TYR C 63 -19.98 7.90 -33.79
C TYR C 63 -19.83 9.30 -34.31
N PRO C 64 -20.70 9.70 -35.22
CA PRO C 64 -20.60 11.03 -35.86
C PRO C 64 -20.51 12.15 -34.81
N ALA C 65 -19.42 12.90 -34.91
CA ALA C 65 -19.15 14.00 -34.00
C ALA C 65 -20.20 15.11 -34.22
N PRO C 66 -20.47 15.92 -33.19
CA PRO C 66 -21.51 17.00 -33.20
C PRO C 66 -21.94 17.68 -34.53
N GLY C 67 -21.12 18.50 -35.18
CA GLY C 67 -21.58 19.22 -36.35
C GLY C 67 -21.80 18.36 -37.59
N CYS C 68 -21.15 17.21 -37.63
CA CYS C 68 -20.97 16.43 -38.86
C CYS C 68 -22.09 15.43 -39.15
N PRO C 69 -22.22 15.02 -40.42
CA PRO C 69 -23.19 13.98 -40.88
C PRO C 69 -22.63 12.54 -41.16
N ALA C 70 -22.70 11.97 -42.38
CA ALA C 70 -22.06 10.68 -42.73
C ALA C 70 -22.66 10.12 -44.02
N LYS C 80 -15.55 3.84 -54.22
CA LYS C 80 -15.70 5.09 -53.46
C LYS C 80 -14.73 5.25 -52.20
N PRO C 81 -13.80 6.23 -52.20
CA PRO C 81 -12.78 6.33 -51.12
C PRO C 81 -13.33 6.80 -49.76
N CYS C 82 -12.58 6.51 -48.70
CA CYS C 82 -13.06 6.72 -47.34
C CYS C 82 -13.10 8.21 -47.03
N THR C 83 -14.28 8.73 -46.77
CA THR C 83 -14.43 10.06 -46.24
C THR C 83 -14.61 9.97 -44.69
N ALA C 84 -13.69 10.60 -43.97
CA ALA C 84 -13.72 10.67 -42.54
C ALA C 84 -14.02 12.10 -42.11
N TYR C 85 -14.27 12.33 -40.83
CA TYR C 85 -14.80 13.61 -40.38
C TYR C 85 -14.08 14.16 -39.16
N PRO C 86 -12.87 14.67 -39.40
CA PRO C 86 -12.08 15.35 -38.39
C PRO C 86 -12.76 16.53 -37.75
N SER C 87 -12.71 16.63 -36.44
CA SER C 87 -13.19 17.77 -35.76
C SER C 87 -12.11 18.37 -34.92
N ASN C 88 -12.24 19.67 -34.77
CA ASN C 88 -11.38 20.45 -33.93
C ASN C 88 -11.97 20.42 -32.53
N PRO C 89 -11.15 20.01 -31.58
CA PRO C 89 -11.61 19.82 -30.19
C PRO C 89 -11.86 21.14 -29.45
N VAL C 90 -11.28 22.25 -29.88
CA VAL C 90 -11.57 23.54 -29.28
C VAL C 90 -12.85 24.22 -29.81
N THR C 91 -12.99 24.28 -31.12
CA THR C 91 -14.08 25.05 -31.75
C THR C 91 -15.28 24.21 -32.00
N GLY C 92 -15.04 22.95 -32.35
CA GLY C 92 -16.11 22.00 -32.68
C GLY C 92 -16.36 22.02 -34.16
N ALA C 93 -15.66 22.84 -34.89
CA ALA C 93 -15.79 22.81 -36.33
C ALA C 93 -15.47 21.38 -36.72
N CYS C 94 -16.11 20.89 -37.78
CA CYS C 94 -15.59 19.70 -38.44
C CYS C 94 -15.62 19.81 -39.91
N ALA C 95 -14.96 18.86 -40.58
CA ALA C 95 -14.79 18.89 -42.02
C ALA C 95 -14.58 17.51 -42.60
N ALA C 96 -15.04 17.33 -43.84
CA ALA C 96 -14.77 16.13 -44.60
C ALA C 96 -13.31 16.05 -44.96
N GLY C 97 -12.73 14.87 -44.88
CA GLY C 97 -11.41 14.67 -45.46
C GLY C 97 -11.16 13.19 -45.60
N SER C 98 -10.23 12.74 -46.43
CA SER C 98 -10.05 11.31 -46.62
C SER C 98 -8.77 10.85 -45.94
N LEU C 99 -8.59 9.53 -45.88
CA LEU C 99 -7.49 8.95 -45.16
C LEU C 99 -6.28 8.76 -46.07
N PHE C 100 -5.09 8.98 -45.48
CA PHE C 100 -3.80 8.83 -46.11
C PHE C 100 -2.83 8.18 -45.10
N HIS C 101 -1.94 7.33 -45.60
CA HIS C 101 -0.87 6.81 -44.80
C HIS C 101 0.09 7.97 -44.55
N THR C 102 0.64 7.99 -43.35
CA THR C 102 1.70 8.92 -42.99
C THR C 102 2.47 8.28 -41.87
N ARG C 103 3.50 8.98 -41.41
CA ARG C 103 4.48 8.43 -40.46
C ARG C 103 4.36 9.19 -39.18
N PHE C 104 4.36 8.45 -38.07
CA PHE C 104 4.47 9.04 -36.74
C PHE C 104 5.89 8.69 -36.28
N ALA C 105 6.73 9.75 -36.20
CA ALA C 105 8.16 9.63 -35.85
C ALA C 105 8.40 9.92 -34.40
N ALA C 106 8.95 8.94 -33.72
CA ALA C 106 9.23 9.03 -32.29
C ALA C 106 10.38 8.08 -31.99
N ASN C 107 10.42 7.58 -30.77
CA ASN C 107 11.52 6.79 -30.26
C ASN C 107 10.84 5.59 -29.64
N THR C 108 11.47 4.40 -29.57
CA THR C 108 10.99 3.33 -28.74
C THR C 108 11.40 3.61 -27.33
N THR C 109 10.90 2.85 -26.35
CA THR C 109 11.27 3.08 -24.95
C THR C 109 11.34 1.77 -24.19
N ASP C 110 12.21 1.73 -23.20
CA ASP C 110 12.27 0.63 -22.21
C ASP C 110 11.41 0.97 -20.98
N GLY C 111 10.74 2.12 -21.02
CA GLY C 111 9.98 2.62 -19.88
C GLY C 111 10.66 3.78 -19.13
N ASN C 112 11.98 3.90 -19.27
CA ASN C 112 12.77 4.91 -18.58
C ASN C 112 13.37 5.98 -19.42
N LYS C 113 13.52 5.69 -20.70
CA LYS C 113 14.18 6.62 -21.60
C LYS C 113 13.98 6.24 -23.08
N PRO C 114 14.22 7.20 -23.98
CA PRO C 114 14.23 6.94 -25.41
C PRO C 114 15.40 6.01 -25.80
N VAL C 115 15.09 5.00 -26.59
CA VAL C 115 16.05 3.96 -27.01
C VAL C 115 16.41 4.10 -28.49
N SER C 116 15.50 3.79 -29.43
CA SER C 116 15.78 4.01 -30.88
C SER C 116 14.71 4.78 -31.62
N GLU C 117 15.06 5.51 -32.67
CA GLU C 117 14.04 6.15 -33.49
C GLU C 117 13.21 5.06 -34.14
N VAL C 118 11.99 5.44 -34.52
CA VAL C 118 10.99 4.55 -35.09
C VAL C 118 10.06 5.46 -35.84
N ASN C 119 9.64 5.02 -37.03
CA ASN C 119 8.53 5.65 -37.75
C ASN C 119 7.44 4.67 -37.72
N VAL C 120 6.29 5.04 -37.17
CA VAL C 120 5.13 4.16 -37.11
C VAL C 120 4.20 4.53 -38.25
N ARG C 121 3.80 3.56 -39.07
CA ARG C 121 2.83 3.77 -40.18
C ARG C 121 1.45 3.96 -39.58
N VAL C 122 0.83 5.08 -39.84
CA VAL C 122 -0.47 5.35 -39.30
C VAL C 122 -1.42 5.99 -40.30
N LEU C 123 -2.72 5.83 -40.09
CA LEU C 123 -3.73 6.44 -40.92
C LEU C 123 -4.25 7.69 -40.26
N ALA C 124 -4.21 8.77 -41.02
CA ALA C 124 -4.74 10.05 -40.55
C ALA C 124 -5.77 10.51 -41.55
N ALA C 125 -6.62 11.46 -41.20
CA ALA C 125 -7.47 12.10 -42.20
C ALA C 125 -6.92 13.44 -42.56
N CYS C 126 -6.91 13.74 -43.85
CA CYS C 126 -6.66 15.10 -44.30
C CYS C 126 -7.68 16.01 -43.66
N ALA C 127 -7.25 17.17 -43.24
CA ALA C 127 -8.17 18.23 -42.87
C ALA C 127 -7.71 19.47 -43.57
N PRO C 128 -8.65 20.34 -43.94
CA PRO C 128 -8.27 21.63 -44.55
C PRO C 128 -7.62 22.50 -43.50
N SER C 129 -6.79 23.43 -43.92
CA SER C 129 -6.09 24.30 -42.98
C SER C 129 -7.04 25.18 -42.12
N LYS C 130 -8.29 25.33 -42.58
CA LYS C 130 -9.21 26.14 -41.82
C LYS C 130 -9.54 25.45 -40.47
N LEU C 131 -9.25 24.17 -40.40
CA LEU C 131 -9.57 23.36 -39.21
C LEU C 131 -8.50 23.52 -38.10
N LEU C 132 -7.37 24.17 -38.42
CA LEU C 132 -6.36 24.52 -37.42
C LEU C 132 -6.73 25.71 -36.59
N ALA C 133 -7.85 26.33 -36.84
CA ALA C 133 -8.21 27.42 -35.95
C ALA C 133 -8.00 27.07 -34.47
N SER C 134 -7.20 27.90 -33.81
CA SER C 134 -7.29 28.04 -32.38
C SER C 134 -6.45 26.92 -31.75
N LEU C 135 -5.69 26.23 -32.61
CA LEU C 135 -4.80 25.17 -32.17
C LEU C 135 -3.45 25.81 -32.05
N PRO C 136 -2.51 25.11 -31.42
CA PRO C 136 -1.21 25.72 -31.12
C PRO C 136 -0.38 26.00 -32.36
N ARG C 137 0.32 27.12 -32.37
CA ARG C 137 1.27 27.37 -33.44
C ARG C 137 2.17 26.15 -33.68
N GLY C 138 2.34 25.75 -34.92
CA GLY C 138 3.22 24.65 -35.25
C GLY C 138 2.49 23.34 -35.36
N SER C 139 1.22 23.32 -34.90
CA SER C 139 0.39 22.11 -34.89
C SER C 139 -0.34 21.94 -36.20
N THR C 140 -0.20 20.76 -36.80
CA THR C 140 -0.91 20.48 -38.05
C THR C 140 -2.12 19.59 -37.88
N GLY C 141 -2.50 19.27 -36.62
CA GLY C 141 -3.63 18.41 -36.36
C GLY C 141 -3.73 17.89 -34.93
N VAL C 142 -4.31 16.69 -34.81
CA VAL C 142 -4.86 16.18 -33.54
C VAL C 142 -4.58 14.72 -33.46
N ALA C 143 -3.95 14.29 -32.34
CA ALA C 143 -3.74 12.90 -31.99
C ALA C 143 -4.94 12.54 -31.12
N GLY C 144 -6.01 12.02 -31.72
CA GLY C 144 -7.10 11.40 -30.95
C GLY C 144 -6.57 10.21 -30.13
N LEU C 145 -6.94 10.08 -28.85
CA LEU C 145 -6.44 8.97 -28.06
C LEU C 145 -7.53 8.03 -27.61
N ALA C 146 -8.79 8.32 -27.91
CA ALA C 146 -9.90 7.52 -27.38
C ALA C 146 -10.15 6.26 -28.17
N GLY C 147 -10.46 5.20 -27.40
CA GLY C 147 -10.09 3.82 -27.65
C GLY C 147 -10.89 3.43 -28.79
N SER C 148 -10.30 2.72 -29.74
CA SER C 148 -10.99 2.70 -31.01
C SER C 148 -10.27 1.97 -32.16
N GLY C 149 -10.47 2.54 -33.35
CA GLY C 149 -9.85 2.11 -34.53
C GLY C 149 -8.81 3.11 -34.77
N LEU C 150 -9.22 4.28 -35.22
CA LEU C 150 -8.25 5.21 -35.75
C LEU C 150 -7.53 6.12 -34.76
N ALA C 151 -7.81 6.00 -33.48
CA ALA C 151 -7.03 6.70 -32.47
C ALA C 151 -5.56 6.22 -32.52
N LEU C 152 -4.67 7.13 -32.10
CA LEU C 152 -3.23 6.92 -32.16
C LEU C 152 -2.76 5.70 -31.33
N PRO C 153 -3.15 5.50 -30.09
CA PRO C 153 -2.71 4.28 -29.37
C PRO C 153 -3.15 2.95 -30.03
N SER C 154 -4.38 2.81 -30.50
CA SER C 154 -4.79 1.59 -31.24
C SER C 154 -3.93 1.40 -32.46
N GLN C 155 -3.64 2.44 -33.22
CA GLN C 155 -2.84 2.19 -34.43
C GLN C 155 -1.41 1.94 -34.09
N VAL C 156 -0.92 2.56 -33.05
CA VAL C 156 0.44 2.29 -32.71
C VAL C 156 0.44 0.85 -32.29
N ALA C 157 -0.56 0.44 -31.54
CA ALA C 157 -0.67 -0.94 -31.08
C ALA C 157 -0.59 -1.99 -32.19
N SER C 158 -1.44 -1.93 -33.19
CA SER C 158 -1.40 -2.94 -34.23
C SER C 158 -0.22 -2.68 -35.20
N ALA C 159 0.17 -1.41 -35.44
CA ALA C 159 1.29 -1.15 -36.35
C ALA C 159 2.63 -1.69 -35.75
N GLN C 160 2.78 -1.68 -34.41
CA GLN C 160 4.04 -2.04 -33.74
C GLN C 160 3.92 -3.33 -32.98
N LYS C 161 2.78 -3.95 -33.04
CA LYS C 161 2.51 -5.20 -32.29
C LYS C 161 2.70 -5.06 -30.75
N VAL C 162 2.00 -4.10 -30.15
CA VAL C 162 2.07 -3.87 -28.69
C VAL C 162 0.67 -3.75 -28.12
N PRO C 163 0.54 -3.76 -26.80
CA PRO C 163 -0.76 -3.49 -26.18
C PRO C 163 -1.42 -2.19 -26.57
N ASN C 164 -2.73 -2.31 -26.71
CA ASN C 164 -3.56 -1.16 -26.92
C ASN C 164 -3.70 -0.49 -25.53
N LYS C 165 -2.80 0.41 -25.25
CA LYS C 165 -2.69 0.96 -23.91
C LYS C 165 -1.81 2.19 -24.07
N PHE C 166 -2.14 3.29 -23.45
CA PHE C 166 -1.22 4.43 -23.52
C PHE C 166 -1.06 4.99 -22.15
N LEU C 167 0.01 5.73 -21.98
CA LEU C 167 0.35 6.34 -20.73
C LEU C 167 0.63 7.78 -21.02
N LEU C 168 0.00 8.66 -20.22
CA LEU C 168 0.24 10.12 -20.30
C LEU C 168 0.81 10.63 -19.01
N CYS C 169 1.82 11.52 -19.09
CA CYS C 169 2.29 12.28 -17.90
C CYS C 169 2.44 13.74 -18.34
N LEU C 170 1.38 14.51 -18.15
CA LEU C 170 1.26 15.82 -18.73
C LEU C 170 2.08 16.74 -17.88
N PRO C 171 2.85 17.65 -18.46
CA PRO C 171 3.61 18.59 -17.69
C PRO C 171 2.91 19.88 -17.47
N THR C 172 3.32 20.52 -16.35
CA THR C 172 3.02 21.90 -16.06
C THR C 172 3.91 22.73 -17.00
N GLY C 173 5.11 22.19 -17.32
CA GLY C 173 6.08 22.86 -18.20
C GLY C 173 7.27 21.96 -18.47
N GLY C 174 8.10 22.28 -19.47
CA GLY C 174 9.06 21.29 -19.91
C GLY C 174 8.33 20.11 -20.60
N PRO C 175 9.11 19.14 -21.10
CA PRO C 175 8.59 17.92 -21.74
C PRO C 175 8.09 16.82 -20.81
N GLY C 176 6.80 16.48 -20.89
CA GLY C 176 6.23 15.37 -20.14
C GLY C 176 6.28 14.21 -21.08
N VAL C 177 5.38 13.25 -20.91
CA VAL C 177 5.54 11.93 -21.49
C VAL C 177 4.27 11.37 -22.09
N ALA C 178 4.43 10.66 -23.19
CA ALA C 178 3.42 9.83 -23.77
C ALA C 178 4.06 8.55 -24.24
N ILE C 179 3.66 7.45 -23.68
CA ILE C 179 4.10 6.15 -24.12
C ILE C 179 2.89 5.38 -24.62
N PHE C 180 2.96 4.84 -25.84
CA PHE C 180 1.90 4.08 -26.51
C PHE C 180 2.30 2.63 -26.64
N GLY C 181 1.56 1.74 -26.00
CA GLY C 181 1.80 0.32 -26.15
C GLY C 181 2.18 -0.49 -24.96
N GLY C 182 2.13 0.08 -23.80
CA GLY C 182 2.38 -0.69 -22.60
C GLY C 182 3.86 -0.72 -22.18
N GLY C 183 4.36 -1.90 -21.77
CA GLY C 183 5.71 -1.98 -21.28
C GLY C 183 5.77 -1.50 -19.82
N PRO C 184 6.95 -1.53 -19.21
CA PRO C 184 7.13 -1.05 -17.83
C PRO C 184 6.67 0.38 -17.55
N LEU C 185 6.21 0.60 -16.34
CA LEU C 185 5.78 1.96 -16.02
C LEU C 185 7.02 2.76 -15.86
N PRO C 186 6.99 4.03 -16.20
CA PRO C 186 8.13 4.92 -15.90
C PRO C 186 8.11 5.27 -14.43
N TRP C 187 9.20 5.87 -14.00
CA TRP C 187 9.37 6.22 -12.58
C TRP C 187 8.95 5.05 -11.67
N PRO C 188 9.59 3.92 -11.89
CA PRO C 188 9.30 2.69 -11.12
C PRO C 188 9.49 2.88 -9.57
N GLN C 189 10.34 3.81 -9.17
CA GLN C 189 10.38 4.18 -7.73
C GLN C 189 9.04 4.66 -7.19
N PHE C 190 8.18 5.23 -8.03
CA PHE C 190 6.93 5.75 -7.55
C PHE C 190 5.75 4.94 -8.02
N THR C 191 5.79 4.42 -9.24
CA THR C 191 4.62 3.79 -9.89
C THR C 191 4.30 2.38 -9.52
N GLN C 192 5.08 1.75 -8.65
CA GLN C 192 4.72 0.43 -8.11
C GLN C 192 3.45 0.60 -7.28
N SER C 193 3.21 1.81 -6.78
CA SER C 193 2.07 2.00 -5.93
C SER C 193 0.91 2.69 -6.67
N MET C 194 0.93 2.66 -8.00
CA MET C 194 -0.13 3.19 -8.80
C MET C 194 -1.47 2.56 -8.41
N ASP C 195 -2.44 3.41 -8.18
CA ASP C 195 -3.75 2.96 -7.84
C ASP C 195 -4.55 2.74 -9.21
N TYR C 196 -5.67 2.06 -9.14
CA TYR C 196 -6.45 1.68 -10.33
C TYR C 196 -7.96 1.83 -10.08
N THR C 197 -8.64 2.34 -11.12
CA THR C 197 -10.06 2.58 -11.18
C THR C 197 -10.63 2.18 -12.55
N PRO C 198 -11.76 1.47 -12.57
CA PRO C 198 -12.28 0.99 -13.88
C PRO C 198 -12.52 2.13 -14.91
N LEU C 199 -12.31 1.87 -16.19
CA LEU C 199 -12.88 2.71 -17.25
C LEU C 199 -14.22 2.20 -17.52
N VAL C 200 -15.22 3.05 -17.37
CA VAL C 200 -16.62 2.71 -17.51
C VAL C 200 -17.16 2.99 -18.92
N ALA C 201 -17.74 1.97 -19.52
CA ALA C 201 -18.35 2.06 -20.85
C ALA C 201 -19.60 2.92 -20.81
N LYS C 202 -19.65 3.93 -21.68
CA LYS C 202 -20.85 4.75 -21.96
C LYS C 202 -21.32 4.49 -23.41
N GLY C 203 -22.61 4.45 -23.61
CA GLY C 203 -23.15 4.29 -24.96
C GLY C 203 -22.71 5.30 -26.00
N GLY C 204 -22.66 4.85 -27.25
CA GLY C 204 -22.25 5.74 -28.33
C GLY C 204 -21.05 6.64 -28.01
N SER C 205 -19.96 6.07 -27.50
CA SER C 205 -18.86 6.93 -27.06
C SER C 205 -17.54 6.21 -26.92
N PRO C 206 -16.64 6.68 -27.70
CA PRO C 206 -15.24 6.37 -27.48
C PRO C 206 -14.68 6.66 -26.09
N ALA C 207 -15.10 7.77 -25.44
CA ALA C 207 -14.34 8.43 -24.36
C ALA C 207 -13.97 7.65 -23.05
N HIS C 208 -13.22 8.34 -22.19
CA HIS C 208 -12.73 7.80 -20.92
C HIS C 208 -13.49 8.30 -19.73
N TYR C 209 -14.14 7.38 -19.06
CA TYR C 209 -15.02 7.64 -17.95
C TYR C 209 -14.64 6.80 -16.79
N ILE C 210 -14.76 7.39 -15.61
CA ILE C 210 -14.42 6.76 -14.33
C ILE C 210 -15.48 7.23 -13.34
N SER C 211 -15.55 6.56 -12.21
CA SER C 211 -16.53 6.82 -11.21
C SER C 211 -15.98 7.26 -9.90
N ALA C 212 -16.59 8.30 -9.35
CA ALA C 212 -16.32 8.71 -8.02
C ALA C 212 -17.57 8.60 -7.20
N ARG C 213 -17.41 8.10 -5.98
CA ARG C 213 -18.51 8.13 -5.02
C ARG C 213 -18.81 9.37 -4.33
N SER C 214 -17.81 10.18 -4.20
CA SER C 214 -17.91 11.39 -3.38
C SER C 214 -16.77 12.34 -3.74
N ILE C 215 -16.94 13.63 -3.54
CA ILE C 215 -15.84 14.61 -3.64
C ILE C 215 -15.64 15.11 -2.22
N LYS C 216 -14.41 15.19 -1.73
CA LYS C 216 -14.15 15.75 -0.42
C LYS C 216 -13.41 17.09 -0.66
N VAL C 217 -13.77 18.11 0.13
CA VAL C 217 -13.06 19.40 0.26
C VAL C 217 -12.47 19.39 1.63
N GLU C 218 -11.15 19.50 1.69
CA GLU C 218 -10.40 19.29 2.94
C GLU C 218 -10.84 17.92 3.57
N ASN C 219 -11.45 17.90 4.73
CA ASN C 219 -11.62 16.59 5.36
C ASN C 219 -13.07 16.14 5.29
N THR C 220 -13.85 16.81 4.46
CA THR C 220 -15.26 16.70 4.60
C THR C 220 -15.97 16.65 3.26
N ARG C 221 -16.90 15.73 3.21
CA ARG C 221 -17.59 15.40 2.00
C ARG C 221 -18.52 16.53 1.56
N VAL C 222 -18.51 16.79 0.26
CA VAL C 222 -19.40 17.73 -0.34
C VAL C 222 -20.79 17.05 -0.47
N PRO C 223 -21.84 17.69 0.04
CA PRO C 223 -23.18 17.07 0.06
C PRO C 223 -23.76 16.98 -1.35
N ILE C 224 -23.43 15.91 -2.04
CA ILE C 224 -23.88 15.69 -3.40
C ILE C 224 -24.36 14.28 -3.38
N SER C 225 -25.53 14.10 -3.96
CA SER C 225 -26.22 12.84 -3.94
C SER C 225 -25.41 11.54 -3.98
N GLU C 226 -25.97 10.62 -3.22
CA GLU C 226 -26.24 9.27 -3.72
C GLU C 226 -26.25 9.34 -5.26
N ARG C 227 -25.13 8.94 -5.91
CA ARG C 227 -25.15 8.54 -7.34
C ARG C 227 -25.39 9.67 -8.34
N ALA C 228 -25.02 10.91 -8.05
CA ALA C 228 -25.00 11.92 -9.12
C ALA C 228 -23.57 11.98 -9.64
N LEU C 229 -22.63 11.61 -8.79
CA LEU C 229 -21.34 11.25 -9.29
C LEU C 229 -21.53 9.82 -9.79
N ALA C 230 -22.16 9.72 -10.96
CA ALA C 230 -22.71 8.46 -11.52
C ALA C 230 -21.67 7.30 -11.52
N THR C 231 -22.03 6.22 -12.18
CA THR C 231 -21.05 5.27 -12.70
C THR C 231 -20.57 5.87 -14.06
N GLY C 232 -19.28 6.21 -14.10
CA GLY C 232 -18.68 6.86 -15.25
C GLY C 232 -19.01 8.33 -15.36
N GLY C 233 -19.43 8.95 -14.25
CA GLY C 233 -19.78 10.36 -14.21
C GLY C 233 -18.58 11.31 -14.29
N VAL C 234 -17.34 10.82 -14.18
CA VAL C 234 -16.19 11.69 -14.38
C VAL C 234 -15.50 11.43 -15.75
N MET C 235 -15.46 12.42 -16.60
CA MET C 235 -14.78 12.28 -17.86
C MET C 235 -13.39 12.95 -17.83
N LEU C 236 -12.44 12.37 -18.52
CA LEU C 236 -11.15 13.01 -18.75
C LEU C 236 -11.13 13.73 -20.05
N SER C 237 -10.56 14.91 -20.08
CA SER C 237 -10.36 15.57 -21.33
C SER C 237 -9.14 16.42 -21.30
N THR C 238 -8.49 16.59 -22.44
CA THR C 238 -7.36 17.49 -22.55
C THR C 238 -7.70 18.77 -23.39
N ARG C 239 -8.96 19.16 -23.38
CA ARG C 239 -9.37 20.23 -24.26
C ARG C 239 -9.32 21.55 -23.55
N LEU C 240 -9.69 21.52 -22.28
CA LEU C 240 -9.73 22.66 -21.46
C LEU C 240 -8.79 22.49 -20.26
N PRO C 241 -8.24 23.59 -19.77
CA PRO C 241 -7.31 23.51 -18.63
C PRO C 241 -8.04 23.25 -17.33
N TYR C 242 -9.32 23.67 -17.27
CA TYR C 242 -10.06 23.66 -16.03
C TYR C 242 -11.04 22.52 -16.04
N VAL C 243 -11.81 22.41 -14.97
CA VAL C 243 -12.79 21.37 -14.79
C VAL C 243 -14.18 21.92 -15.11
N LEU C 244 -14.98 21.14 -15.84
CA LEU C 244 -16.41 21.41 -15.99
C LEU C 244 -17.22 20.58 -15.03
N LEU C 245 -18.23 21.21 -14.47
CA LEU C 245 -19.16 20.58 -13.52
C LEU C 245 -20.60 20.85 -13.91
N ARG C 246 -21.40 19.82 -13.88
CA ARG C 246 -22.86 19.90 -13.96
C ARG C 246 -23.47 20.65 -12.78
N ARG C 247 -24.65 21.28 -12.98
CA ARG C 247 -25.33 22.15 -11.96
C ARG C 247 -25.41 21.54 -10.59
N ASP C 248 -25.94 20.33 -10.52
CA ASP C 248 -25.97 19.58 -9.25
C ASP C 248 -24.67 19.33 -8.50
N VAL C 249 -23.52 19.57 -9.10
CA VAL C 249 -22.23 19.43 -8.41
C VAL C 249 -21.53 20.80 -8.26
N TYR C 250 -21.74 21.71 -9.20
CA TYR C 250 -21.04 22.98 -9.16
C TYR C 250 -21.27 23.76 -7.89
N ARG C 251 -22.54 24.10 -7.61
CA ARG C 251 -22.82 25.00 -6.49
C ARG C 251 -22.28 24.41 -5.19
N PRO C 252 -22.56 23.16 -4.89
CA PRO C 252 -22.06 22.58 -3.63
C PRO C 252 -20.55 22.47 -3.48
N LEU C 253 -19.86 22.16 -4.58
CA LEU C 253 -18.43 21.99 -4.54
C LEU C 253 -17.85 23.36 -4.33
N VAL C 254 -18.32 24.29 -5.11
CA VAL C 254 -17.84 25.62 -5.04
C VAL C 254 -18.14 26.22 -3.72
N ASP C 255 -19.30 25.98 -3.13
CA ASP C 255 -19.60 26.49 -1.79
C ASP C 255 -18.74 25.85 -0.70
N ALA C 256 -18.49 24.55 -0.84
CA ALA C 256 -17.65 23.87 0.12
C ALA C 256 -16.20 24.43 0.04
N PHE C 257 -15.78 24.71 -1.17
CA PHE C 257 -14.50 25.23 -1.43
C PHE C 257 -14.39 26.59 -0.81
N THR C 258 -15.38 27.47 -1.04
CA THR C 258 -15.20 28.86 -0.57
C THR C 258 -15.21 28.94 0.93
N LYS C 259 -15.98 28.09 1.59
CA LYS C 259 -16.10 28.14 3.06
C LYS C 259 -14.86 27.61 3.74
N ALA C 260 -14.25 26.60 3.13
CA ALA C 260 -12.97 26.09 3.55
C ALA C 260 -11.83 27.01 3.22
N LEU C 261 -11.94 27.78 2.11
CA LEU C 261 -10.99 28.83 1.81
C LEU C 261 -10.96 29.81 2.99
N ALA C 262 -12.14 30.30 3.37
CA ALA C 262 -12.28 31.37 4.35
C ALA C 262 -11.84 30.89 5.76
N ALA C 263 -11.78 29.60 5.98
CA ALA C 263 -11.26 29.09 7.24
C ALA C 263 -9.70 28.89 7.34
N GLN C 264 -8.93 29.58 6.47
CA GLN C 264 -7.46 29.51 6.50
C GLN C 264 -6.82 30.78 7.14
N GLY C 268 -2.65 29.08 9.51
CA GLY C 268 -2.54 30.54 9.45
C GLY C 268 -2.15 31.12 8.08
N ALA C 269 -3.12 31.29 7.21
CA ALA C 269 -2.90 31.80 5.88
C ALA C 269 -3.34 33.26 5.73
N PRO C 270 -2.92 33.90 4.63
CA PRO C 270 -3.48 35.23 4.34
C PRO C 270 -4.97 35.11 4.10
N VAL C 271 -5.64 36.24 4.25
CA VAL C 271 -7.04 36.36 3.93
C VAL C 271 -7.10 36.62 2.44
N ALA C 272 -7.88 35.84 1.72
CA ALA C 272 -7.91 35.92 0.26
C ALA C 272 -8.78 37.06 -0.12
N ARG C 273 -8.36 37.86 -1.08
CA ARG C 273 -9.19 38.95 -1.62
C ARG C 273 -9.78 38.54 -2.95
N ALA C 274 -11.11 38.62 -3.07
CA ALA C 274 -11.76 38.43 -4.33
C ALA C 274 -11.47 39.61 -5.26
N VAL C 275 -11.13 39.35 -6.53
CA VAL C 275 -11.02 40.37 -7.55
C VAL C 275 -12.01 40.18 -8.65
N LYS C 276 -11.94 41.08 -9.65
CA LYS C 276 -12.86 41.13 -10.78
C LYS C 276 -12.79 39.76 -11.46
N PRO C 277 -13.90 39.04 -11.39
CA PRO C 277 -14.10 37.79 -12.13
C PRO C 277 -13.63 37.86 -13.64
N VAL C 278 -12.71 36.97 -14.06
CA VAL C 278 -12.27 36.86 -15.49
C VAL C 278 -12.90 35.60 -16.13
N ALA C 279 -13.56 35.76 -17.29
CA ALA C 279 -14.35 34.68 -17.86
C ALA C 279 -13.43 33.59 -18.36
N PRO C 280 -13.86 32.33 -18.29
CA PRO C 280 -15.22 31.89 -17.83
C PRO C 280 -15.39 31.62 -16.32
N PHE C 281 -14.36 31.93 -15.55
CA PHE C 281 -14.34 31.69 -14.13
C PHE C 281 -15.19 32.77 -13.46
N GLU C 282 -16.00 32.37 -12.50
CA GLU C 282 -16.80 33.31 -11.77
C GLU C 282 -16.31 33.31 -10.35
N LEU C 283 -14.99 33.29 -10.09
CA LEU C 283 -14.38 33.24 -8.74
C LEU C 283 -12.85 33.40 -8.83
N CYS C 284 -12.33 34.60 -8.72
CA CYS C 284 -10.89 34.83 -8.84
C CYS C 284 -10.33 35.64 -7.66
N TYR C 285 -9.01 35.61 -7.55
CA TYR C 285 -8.30 36.14 -6.39
C TYR C 285 -6.96 36.71 -6.74
N ASP C 286 -6.49 37.58 -5.89
CA ASP C 286 -5.21 38.21 -6.11
C ASP C 286 -4.22 37.31 -5.43
N THR C 287 -3.22 36.92 -6.20
CA THR C 287 -2.29 35.90 -5.84
C THR C 287 -1.47 36.37 -4.66
N LYS C 288 -1.27 37.69 -4.46
CA LYS C 288 -0.55 38.16 -3.24
C LYS C 288 -1.39 37.87 -1.95
N THR C 289 -2.66 37.54 -2.06
CA THR C 289 -3.42 37.12 -0.88
C THR C 289 -3.64 35.60 -0.75
N LEU C 290 -3.11 34.88 -1.72
CA LEU C 290 -3.10 33.42 -1.65
C LEU C 290 -1.74 33.06 -1.11
N GLY C 291 -1.75 32.12 -0.17
CA GLY C 291 -0.51 31.60 0.32
C GLY C 291 0.01 30.59 -0.65
N ASN C 292 1.26 30.14 -0.41
CA ASN C 292 1.96 29.15 -1.20
C ASN C 292 2.47 28.01 -0.36
N ASN C 293 2.20 26.78 -0.77
CA ASN C 293 2.67 25.61 -0.07
C ASN C 293 3.12 24.62 -1.10
N PRO C 294 3.59 23.47 -0.68
CA PRO C 294 4.10 22.51 -1.65
C PRO C 294 3.08 22.05 -2.72
N GLY C 295 1.78 22.14 -2.36
CA GLY C 295 0.73 21.86 -3.29
C GLY C 295 0.44 22.94 -4.34
N GLY C 296 1.07 24.10 -4.23
CA GLY C 296 0.71 25.23 -5.08
C GLY C 296 -0.02 26.15 -4.22
N TYR C 297 -1.03 26.85 -4.72
CA TYR C 297 -1.67 27.93 -3.95
C TYR C 297 -2.39 27.30 -2.84
N TRP C 298 -2.35 27.96 -1.69
CA TRP C 298 -2.96 27.44 -0.47
C TRP C 298 -4.44 27.69 -0.55
N VAL C 299 -5.12 26.70 -1.08
CA VAL C 299 -6.57 26.74 -1.12
C VAL C 299 -6.92 25.31 -0.84
N PRO C 300 -8.16 25.04 -0.50
CA PRO C 300 -8.48 23.67 -0.06
C PRO C 300 -8.24 22.59 -1.08
N ASN C 301 -7.82 21.45 -0.52
CA ASN C 301 -7.57 20.22 -1.27
C ASN C 301 -8.91 19.70 -1.70
N VAL C 302 -9.05 19.27 -2.94
CA VAL C 302 -10.31 18.68 -3.40
C VAL C 302 -9.93 17.30 -3.87
N LEU C 303 -10.58 16.32 -3.30
CA LEU C 303 -10.36 14.91 -3.59
C LEU C 303 -11.63 14.27 -4.21
N LEU C 304 -11.40 13.61 -5.33
CA LEU C 304 -12.37 12.70 -5.93
C LEU C 304 -12.13 11.33 -5.40
N GLU C 305 -13.10 10.76 -4.67
CA GLU C 305 -12.92 9.40 -4.09
C GLU C 305 -13.31 8.37 -5.12
N LEU C 306 -12.40 7.93 -5.95
CA LEU C 306 -12.72 7.08 -7.04
C LEU C 306 -12.93 5.62 -6.63
N ASP C 307 -13.80 4.93 -7.37
CA ASP C 307 -13.91 3.48 -7.27
C ASP C 307 -12.50 2.91 -7.26
N GLY C 308 -12.18 2.06 -6.29
CA GLY C 308 -10.83 1.57 -6.23
C GLY C 308 -10.22 1.80 -4.88
N GLY C 309 -10.87 2.64 -4.08
CA GLY C 309 -10.46 2.93 -2.70
C GLY C 309 -9.37 3.96 -2.56
N SER C 310 -8.89 4.52 -3.68
CA SER C 310 -7.86 5.54 -3.74
C SER C 310 -8.42 6.77 -4.34
N ASP C 311 -8.00 7.90 -3.77
CA ASP C 311 -8.42 9.25 -4.15
C ASP C 311 -7.50 9.96 -5.16
N TRP C 312 -8.15 10.80 -5.97
CA TRP C 312 -7.54 11.70 -6.91
C TRP C 312 -7.47 13.09 -6.25
N ALA C 313 -6.29 13.45 -5.79
CA ALA C 313 -6.06 14.71 -5.09
C ALA C 313 -5.80 15.81 -6.07
N MET C 314 -6.49 16.92 -5.88
CA MET C 314 -6.23 18.23 -6.52
C MET C 314 -5.79 19.24 -5.52
N THR C 315 -4.70 19.88 -5.79
CA THR C 315 -4.22 20.91 -4.89
C THR C 315 -4.23 22.13 -5.69
N GLY C 316 -3.65 23.18 -5.15
CA GLY C 316 -3.65 24.48 -5.78
C GLY C 316 -3.22 24.37 -7.23
N LYS C 317 -2.13 23.69 -7.46
CA LYS C 317 -1.60 23.69 -8.84
C LYS C 317 -2.61 23.16 -9.89
N ASN C 318 -3.65 22.43 -9.42
CA ASN C 318 -4.76 21.83 -10.17
C ASN C 318 -6.10 22.57 -10.11
N SER C 319 -6.38 23.17 -8.99
CA SER C 319 -7.68 23.72 -8.71
C SER C 319 -7.63 25.25 -9.06
N MET C 320 -6.46 25.77 -9.38
CA MET C 320 -6.34 27.21 -9.68
C MET C 320 -5.63 27.43 -10.96
N VAL C 321 -6.15 28.33 -11.78
CA VAL C 321 -5.52 28.76 -13.01
C VAL C 321 -4.92 30.17 -12.88
N ASP C 322 -3.67 30.28 -13.27
CA ASP C 322 -3.08 31.58 -13.32
C ASP C 322 -3.53 32.19 -14.61
N VAL C 323 -4.46 33.10 -14.47
CA VAL C 323 -5.14 33.71 -15.61
C VAL C 323 -4.35 34.94 -16.18
N LYS C 324 -3.77 35.75 -15.30
CA LYS C 324 -2.77 36.79 -15.63
C LYS C 324 -2.03 37.15 -14.35
N PRO C 325 -0.88 37.81 -14.44
CA PRO C 325 -0.13 38.09 -13.21
C PRO C 325 -1.05 38.80 -12.18
N GLY C 326 -0.99 38.34 -10.95
CA GLY C 326 -1.77 38.95 -9.88
C GLY C 326 -3.16 38.36 -9.69
N THR C 327 -3.66 37.67 -10.72
CA THR C 327 -4.91 36.94 -10.55
C THR C 327 -4.84 35.46 -10.84
N ALA C 328 -5.57 34.71 -10.02
CA ALA C 328 -5.71 33.29 -10.20
C ALA C 328 -7.13 32.96 -9.86
N CYS C 329 -7.75 32.09 -10.67
CA CYS C 329 -9.17 31.80 -10.53
C CYS C 329 -9.39 30.32 -10.23
N VAL C 330 -10.44 30.00 -9.52
CA VAL C 330 -10.75 28.63 -9.21
C VAL C 330 -11.13 27.93 -10.50
N ALA C 331 -10.56 26.75 -10.72
CA ALA C 331 -10.69 26.07 -12.02
C ALA C 331 -11.90 25.13 -12.10
N PHE C 332 -12.99 25.58 -11.53
CA PHE C 332 -14.24 24.90 -11.60
C PHE C 332 -15.17 25.83 -12.34
N VAL C 333 -15.65 25.41 -13.51
CA VAL C 333 -16.64 26.12 -14.32
C VAL C 333 -17.92 25.33 -14.55
N GLU C 334 -19.05 25.97 -14.43
CA GLU C 334 -20.32 25.31 -14.58
C GLU C 334 -20.65 24.96 -16.04
N MET C 335 -21.26 23.81 -16.28
CA MET C 335 -21.78 23.47 -17.61
C MET C 335 -23.03 24.32 -17.88
N LYS C 336 -23.05 24.93 -19.05
CA LYS C 336 -24.23 25.71 -19.47
C LYS C 336 -25.01 24.93 -20.50
N GLY C 337 -26.34 24.96 -20.38
CA GLY C 337 -27.23 24.32 -21.35
C GLY C 337 -27.72 22.96 -20.84
N VAL C 338 -27.80 22.88 -19.50
CA VAL C 338 -27.75 21.60 -18.78
C VAL C 338 -28.62 21.62 -17.51
N ASP C 339 -29.49 20.60 -17.41
CA ASP C 339 -30.19 20.20 -16.17
C ASP C 339 -29.29 19.44 -15.14
N ALA C 340 -29.71 19.52 -13.86
CA ALA C 340 -29.14 18.79 -12.72
C ALA C 340 -29.50 17.29 -12.71
N GLY C 341 -28.47 16.43 -12.77
CA GLY C 341 -28.67 15.01 -12.94
C GLY C 341 -29.22 14.62 -14.32
N ASP C 342 -28.75 15.28 -15.41
CA ASP C 342 -28.99 14.83 -16.81
C ASP C 342 -27.94 13.75 -17.13
N GLY C 343 -28.37 12.48 -16.95
CA GLY C 343 -27.52 11.30 -17.04
C GLY C 343 -26.59 11.36 -18.24
N SER C 344 -27.08 11.75 -19.43
CA SER C 344 -26.21 11.85 -20.63
C SER C 344 -24.88 12.62 -20.32
N ALA C 345 -25.00 13.83 -19.81
CA ALA C 345 -23.81 14.65 -19.49
C ALA C 345 -23.03 14.13 -18.23
N PRO C 346 -21.67 14.07 -18.31
CA PRO C 346 -20.89 13.72 -17.12
C PRO C 346 -21.03 14.82 -16.10
N ALA C 347 -20.97 14.40 -14.85
CA ALA C 347 -21.05 15.28 -13.71
C ALA C 347 -19.84 16.16 -13.64
N VAL C 348 -18.69 15.60 -14.01
CA VAL C 348 -17.41 16.23 -13.88
C VAL C 348 -16.57 15.97 -15.12
N ILE C 349 -16.08 17.01 -15.78
CA ILE C 349 -15.09 16.80 -16.81
C ILE C 349 -13.81 17.36 -16.26
N LEU C 350 -12.85 16.48 -15.97
CA LEU C 350 -11.59 16.92 -15.45
C LEU C 350 -10.72 17.25 -16.62
N GLY C 351 -10.00 18.34 -16.47
CA GLY C 351 -9.14 18.82 -17.53
C GLY C 351 -7.63 18.59 -17.38
N GLY C 352 -6.89 19.19 -18.29
CA GLY C 352 -5.46 18.95 -18.41
C GLY C 352 -4.68 19.38 -17.20
N ALA C 353 -5.07 20.48 -16.54
CA ALA C 353 -4.38 20.88 -15.31
C ALA C 353 -4.67 19.97 -14.10
N GLN C 354 -5.80 19.27 -14.15
CA GLN C 354 -6.13 18.27 -13.16
C GLN C 354 -5.39 16.95 -13.40
N MET C 355 -4.69 16.82 -14.51
CA MET C 355 -3.90 15.60 -14.79
C MET C 355 -2.41 15.82 -14.83
N GLU C 356 -1.97 17.07 -14.83
CA GLU C 356 -0.60 17.43 -14.83
C GLU C 356 0.11 16.83 -13.64
N ASP C 357 1.27 16.18 -13.88
CA ASP C 357 2.04 15.54 -12.83
C ASP C 357 1.31 14.37 -12.20
N PHE C 358 0.40 13.76 -12.95
CA PHE C 358 -0.07 12.41 -12.71
C PHE C 358 0.47 11.52 -13.77
N VAL C 359 0.87 10.32 -13.37
CA VAL C 359 1.14 9.28 -14.32
C VAL C 359 -0.19 8.63 -14.54
N LEU C 360 -0.68 8.69 -15.78
CA LEU C 360 -1.99 8.16 -16.14
C LEU C 360 -1.81 7.01 -17.11
N ASP C 361 -2.10 5.81 -16.65
CA ASP C 361 -2.09 4.63 -17.48
C ASP C 361 -3.50 4.26 -17.99
N PHE C 362 -3.77 4.56 -19.26
CA PHE C 362 -5.07 4.30 -19.89
C PHE C 362 -4.97 2.89 -20.46
N ASP C 363 -5.47 1.90 -19.71
CA ASP C 363 -5.44 0.53 -20.13
C ASP C 363 -6.79 0.14 -20.74
N MET C 364 -6.87 0.23 -22.07
CA MET C 364 -8.11 -0.09 -22.79
C MET C 364 -8.39 -1.61 -22.84
N GLU C 365 -7.34 -2.45 -22.82
CA GLU C 365 -7.51 -3.91 -22.81
C GLU C 365 -8.20 -4.40 -21.54
N LYS C 366 -7.80 -3.88 -20.38
CA LYS C 366 -8.30 -4.31 -19.08
C LYS C 366 -9.36 -3.37 -18.49
N LYS C 367 -9.81 -2.40 -19.27
CA LYS C 367 -10.85 -1.45 -18.83
C LYS C 367 -10.56 -0.77 -17.49
N ARG C 368 -9.33 -0.25 -17.38
CA ARG C 368 -8.93 0.45 -16.16
C ARG C 368 -7.97 1.63 -16.46
N LEU C 369 -8.02 2.59 -15.54
CA LEU C 369 -7.13 3.71 -15.59
C LEU C 369 -6.24 3.56 -14.37
N GLY C 370 -4.93 3.44 -14.58
CA GLY C 370 -3.99 3.67 -13.50
C GLY C 370 -3.76 5.20 -13.35
N PHE C 371 -3.73 5.68 -12.13
CA PHE C 371 -3.44 7.07 -11.81
C PHE C 371 -2.49 7.17 -10.61
N LEU C 372 -1.53 8.07 -10.68
CA LEU C 372 -0.59 8.30 -9.59
C LEU C 372 -0.12 9.74 -9.58
N ARG C 373 -0.47 10.50 -8.58
CA ARG C 373 0.05 11.84 -8.46
C ARG C 373 1.50 11.76 -8.03
N LEU C 374 2.42 12.29 -8.83
CA LEU C 374 3.86 12.27 -8.52
C LEU C 374 4.14 13.17 -7.35
N PRO C 375 5.24 12.93 -6.64
CA PRO C 375 5.57 13.73 -5.48
C PRO C 375 5.68 15.19 -5.81
N HIS C 376 5.33 16.02 -4.87
CA HIS C 376 5.46 17.47 -5.03
C HIS C 376 6.82 17.96 -5.46
N PHE C 377 7.92 17.23 -5.25
CA PHE C 377 9.22 17.80 -5.52
C PHE C 377 9.75 17.38 -6.92
N THR C 378 8.88 16.72 -7.66
CA THR C 378 9.16 16.45 -9.07
C THR C 378 7.88 16.59 -9.96
N GLY C 379 7.95 16.08 -11.15
CA GLY C 379 6.89 16.30 -12.12
C GLY C 379 7.20 15.51 -13.36
N CYS C 380 6.23 15.51 -14.27
CA CYS C 380 6.32 14.77 -15.50
C CYS C 380 7.56 15.10 -16.28
N SER C 381 8.05 16.31 -16.08
CA SER C 381 9.18 16.76 -16.85
C SER C 381 10.55 16.29 -16.34
N SER C 382 10.62 15.44 -15.33
CA SER C 382 11.84 14.79 -14.88
C SER C 382 12.24 13.45 -15.58
N PHE C 383 11.53 13.13 -16.65
CA PHE C 383 11.72 11.89 -17.38
C PHE C 383 13.04 12.03 -18.20
N ASN C 384 13.96 11.02 -18.26
CA ASN C 384 15.03 10.92 -19.33
C ASN C 384 16.64 10.48 -19.32
N PHE C 385 17.43 11.02 -20.30
CA PHE C 385 18.44 10.29 -21.17
C PHE C 385 19.92 10.58 -20.82
N SER D 2 17.40 27.90 18.14
CA SER D 2 16.21 27.03 18.32
C SER D 2 15.15 27.44 17.29
N THR D 3 14.25 26.54 17.00
CA THR D 3 13.41 26.64 15.80
C THR D 3 12.21 27.58 16.00
N ASP D 4 11.79 28.24 14.90
CA ASP D 4 10.68 29.20 14.95
C ASP D 4 9.69 29.00 13.79
N TYR D 5 9.83 27.86 13.09
CA TYR D 5 9.06 27.62 11.89
C TYR D 5 8.53 26.19 11.86
N TRP D 6 7.26 26.09 11.56
CA TRP D 6 6.51 24.90 11.53
C TRP D 6 5.92 24.76 10.12
N GLN D 7 6.12 23.57 9.56
CA GLN D 7 5.57 23.18 8.32
C GLN D 7 4.70 21.86 8.39
N ASN D 8 3.47 21.95 7.93
CA ASN D 8 2.59 20.83 7.94
C ASN D 8 1.72 20.95 6.74
N TRP D 9 2.09 20.24 5.69
CA TRP D 9 1.34 20.19 4.45
C TRP D 9 1.08 18.73 4.11
N THR D 10 -0.15 18.51 3.64
CA THR D 10 -0.60 17.24 3.03
C THR D 10 -1.40 17.56 1.78
N ASP D 11 -1.35 16.64 0.81
CA ASP D 11 -2.20 16.82 -0.33
C ASP D 11 -3.63 16.25 -0.08
N GLY D 12 -3.90 15.78 1.13
CA GLY D 12 -5.24 15.33 1.51
C GLY D 12 -5.35 13.80 1.45
N GLY D 13 -4.43 13.15 0.72
CA GLY D 13 -4.38 11.70 0.61
C GLY D 13 -3.98 11.04 1.92
N GLY D 14 -4.82 10.11 2.36
CA GLY D 14 -4.56 9.22 3.46
C GLY D 14 -4.73 10.03 4.68
N ILE D 15 -4.05 9.54 5.73
CA ILE D 15 -4.12 10.14 7.09
C ILE D 15 -2.74 10.59 7.56
N VAL D 16 -2.59 11.87 7.86
CA VAL D 16 -1.31 12.43 8.27
C VAL D 16 -1.51 13.10 9.63
N ASN D 17 -1.13 12.43 10.73
CA ASN D 17 -1.22 13.00 12.06
C ASN D 17 0.14 13.54 12.50
N ALA D 18 0.15 14.86 12.54
CA ALA D 18 1.39 15.59 12.75
C ALA D 18 1.23 16.36 14.04
N VAL D 19 2.26 16.28 14.87
CA VAL D 19 2.20 16.91 16.20
C VAL D 19 3.35 17.88 16.30
N ASN D 20 2.95 19.12 16.56
CA ASN D 20 3.89 20.17 16.88
C ASN D 20 4.12 20.06 18.37
N GLY D 21 5.23 19.42 18.71
CA GLY D 21 5.61 19.13 20.07
C GLY D 21 6.33 20.31 20.67
N SER D 22 6.73 20.13 21.94
CA SER D 22 7.56 21.13 22.69
C SER D 22 8.85 21.46 21.99
N GLY D 23 9.28 22.71 22.10
CA GLY D 23 10.48 23.19 21.44
C GLY D 23 10.59 22.85 19.93
N GLY D 24 11.69 22.18 19.63
CA GLY D 24 12.02 21.73 18.30
C GLY D 24 11.59 20.28 17.98
N ASN D 25 10.80 19.65 18.88
CA ASN D 25 10.27 18.31 18.66
C ASN D 25 8.98 18.26 17.83
N TYR D 26 8.93 17.29 16.91
CA TYR D 26 7.71 17.03 16.08
C TYR D 26 7.61 15.54 15.83
N SER D 27 6.41 15.02 15.65
CA SER D 27 6.26 13.66 15.22
C SER D 27 5.24 13.69 14.13
N VAL D 28 5.27 12.69 13.29
CA VAL D 28 4.18 12.38 12.38
C VAL D 28 3.94 10.86 12.38
N ASN D 29 2.73 10.46 12.50
CA ASN D 29 2.32 9.15 12.03
C ASN D 29 1.42 9.30 10.82
N TRP D 30 1.60 8.42 9.87
CA TRP D 30 0.90 8.53 8.60
C TRP D 30 0.55 7.16 8.00
N SER D 31 -0.54 7.11 7.27
CA SER D 31 -0.83 5.87 6.52
C SER D 31 -1.58 6.22 5.26
N ASN D 32 -1.34 5.39 4.21
CA ASN D 32 -2.07 5.36 2.94
C ASN D 32 -2.08 6.71 2.30
N THR D 33 -0.91 7.34 2.29
CA THR D 33 -0.80 8.72 1.88
C THR D 33 -0.59 8.72 0.41
N GLY D 34 -0.88 9.92 -0.10
CA GLY D 34 -0.39 10.45 -1.30
C GLY D 34 0.82 11.24 -0.88
N ASN D 35 0.73 12.41 -0.30
CA ASN D 35 2.00 13.17 -0.19
C ASN D 35 1.94 14.29 0.87
N PHE D 36 2.91 14.34 1.77
CA PHE D 36 2.97 15.30 2.85
C PHE D 36 4.43 15.69 3.18
N VAL D 37 4.59 16.83 3.84
CA VAL D 37 5.90 17.31 4.32
C VAL D 37 5.63 17.93 5.63
N VAL D 38 6.38 17.50 6.62
CA VAL D 38 6.23 18.03 7.95
C VAL D 38 7.59 18.32 8.47
N GLY D 39 7.77 19.49 9.07
CA GLY D 39 9.03 19.76 9.73
C GLY D 39 9.09 20.98 10.60
N LYS D 40 10.25 21.14 11.21
CA LYS D 40 10.56 22.29 11.99
C LYS D 40 11.94 22.84 11.59
N GLY D 41 12.05 24.16 11.61
CA GLY D 41 13.34 24.77 11.37
C GLY D 41 13.27 26.23 11.59
N TRP D 42 13.67 26.97 10.61
CA TRP D 42 13.69 28.43 10.73
C TRP D 42 13.06 29.17 9.54
N THR D 43 12.34 30.23 9.89
CA THR D 43 11.67 31.15 8.98
C THR D 43 12.68 31.73 8.01
N THR D 44 13.89 31.98 8.53
CA THR D 44 15.00 32.49 7.72
C THR D 44 16.17 31.53 7.78
N GLY D 45 16.50 30.87 6.67
CA GLY D 45 17.65 29.98 6.58
C GLY D 45 18.97 30.74 6.57
N SER D 46 20.06 30.02 6.76
CA SER D 46 21.38 30.62 6.73
C SER D 46 22.39 29.62 6.21
N PRO D 47 23.37 30.02 5.44
CA PRO D 47 24.37 29.06 4.95
C PRO D 47 25.38 28.71 6.05
N PHE D 48 25.31 29.34 7.25
CA PHE D 48 26.22 29.09 8.38
C PHE D 48 25.59 28.27 9.47
N ARG D 49 24.31 27.97 9.34
CA ARG D 49 23.63 27.17 10.33
C ARG D 49 24.15 25.75 10.39
N THR D 50 24.31 25.30 11.62
CA THR D 50 24.58 23.92 11.95
C THR D 50 23.32 23.40 12.57
N ILE D 51 22.73 22.42 11.90
CA ILE D 51 21.47 21.87 12.29
C ILE D 51 21.79 20.66 13.11
N ASN D 52 21.19 20.60 14.28
CA ASN D 52 21.32 19.43 15.06
C ASN D 52 19.94 18.81 15.18
N TYR D 53 19.86 17.53 14.94
CA TYR D 53 18.61 16.86 15.07
C TYR D 53 18.84 15.49 15.64
N ASN D 54 17.77 15.01 16.25
CA ASN D 54 17.70 13.65 16.76
C ASN D 54 16.38 13.02 16.30
N ALA D 55 16.49 12.02 15.44
CA ALA D 55 15.31 11.39 14.89
C ALA D 55 15.18 10.15 15.73
N GLY D 56 14.45 10.26 16.82
CA GLY D 56 14.20 9.16 17.71
C GLY D 56 13.44 8.03 17.04
N VAL D 57 12.55 8.36 16.13
CA VAL D 57 11.95 7.37 15.24
C VAL D 57 12.04 7.76 13.77
N TRP D 58 12.55 6.84 12.99
CA TRP D 58 12.54 6.92 11.59
C TRP D 58 12.06 5.57 11.06
N ALA D 59 10.77 5.55 10.71
CA ALA D 59 10.07 4.32 10.35
C ALA D 59 9.14 4.52 9.15
N PRO D 60 9.71 4.69 8.00
CA PRO D 60 8.92 4.71 6.81
C PRO D 60 8.70 3.27 6.32
N ASN D 61 7.51 3.08 5.74
CA ASN D 61 7.11 1.90 4.95
C ASN D 61 6.66 2.35 3.56
N GLY D 62 7.55 2.37 2.61
CA GLY D 62 7.32 3.02 1.33
C GLY D 62 8.26 4.26 1.17
N ASN D 63 7.92 5.17 0.26
CA ASN D 63 8.68 6.38 0.02
C ASN D 63 8.56 7.39 1.16
N GLY D 64 9.71 7.92 1.54
CA GLY D 64 9.76 8.96 2.56
C GLY D 64 11.16 9.45 2.66
N TYR D 65 11.34 10.64 3.22
CA TYR D 65 12.63 11.29 3.20
C TYR D 65 12.82 12.04 4.45
N LEU D 66 14.02 11.87 5.00
CA LEU D 66 14.39 12.58 6.21
C LEU D 66 15.45 13.56 5.79
N THR D 67 15.10 14.82 5.76
CA THR D 67 15.87 15.75 5.00
C THR D 67 15.81 17.19 5.43
N LEU D 68 16.93 17.85 5.34
CA LEU D 68 16.98 19.27 5.54
C LEU D 68 16.60 19.82 4.23
N TYR D 69 15.74 20.80 4.20
CA TYR D 69 15.49 21.43 2.92
C TYR D 69 14.98 22.81 3.18
N GLY D 70 15.02 23.62 2.13
CA GLY D 70 14.71 25.04 2.27
C GLY D 70 14.85 25.71 0.94
N TRP D 71 14.64 27.00 0.95
CA TRP D 71 14.66 27.86 -0.27
C TRP D 71 15.51 29.06 -0.11
N THR D 72 16.04 29.57 -1.23
CA THR D 72 16.45 31.00 -1.39
C THR D 72 15.60 31.64 -2.50
N ARG D 73 15.56 32.99 -2.51
CA ARG D 73 15.26 33.79 -3.72
C ARG D 73 16.50 34.56 -4.14
N SER D 74 16.49 35.06 -5.39
CA SER D 74 17.55 35.89 -5.99
C SER D 74 18.85 35.15 -6.07
N PRO D 75 18.88 34.08 -6.81
CA PRO D 75 17.66 33.49 -7.42
C PRO D 75 16.86 32.52 -6.58
N LEU D 76 15.72 32.14 -7.17
CA LEU D 76 14.83 31.18 -6.59
C LEU D 76 15.48 29.79 -6.77
N ILE D 77 15.81 29.17 -5.63
CA ILE D 77 16.41 27.83 -5.56
C ILE D 77 15.80 27.11 -4.36
N GLU D 78 15.48 25.84 -4.57
CA GLU D 78 15.13 24.90 -3.54
C GLU D 78 16.29 23.91 -3.29
N TYR D 79 16.61 23.58 -2.04
CA TYR D 79 17.72 22.72 -1.74
C TYR D 79 17.35 21.61 -0.74
N TYR D 80 18.12 20.51 -0.74
CA TYR D 80 17.83 19.39 0.06
C TYR D 80 19.12 18.79 0.53
N VAL D 81 19.15 18.35 1.76
CA VAL D 81 20.21 17.53 2.27
C VAL D 81 19.51 16.31 2.83
N VAL D 82 19.66 15.15 2.15
CA VAL D 82 18.84 14.01 2.49
C VAL D 82 19.73 13.05 3.23
N ASP D 83 19.36 12.80 4.45
CA ASP D 83 20.19 12.06 5.37
C ASP D 83 19.71 10.65 5.32
N SER D 84 18.42 10.44 5.09
CA SER D 84 17.85 9.13 5.10
C SER D 84 16.59 9.14 4.24
N TRP D 85 16.15 7.95 3.90
CA TRP D 85 14.90 7.76 3.17
C TRP D 85 14.21 6.40 3.47
N GLY D 86 13.15 6.12 2.74
CA GLY D 86 12.47 4.82 2.80
C GLY D 86 12.92 3.84 1.71
N THR D 87 12.01 3.49 0.82
CA THR D 87 12.32 2.45 -0.16
C THR D 87 13.21 2.90 -1.25
N TYR D 88 13.14 4.20 -1.63
CA TYR D 88 13.90 4.76 -2.77
C TYR D 88 14.70 5.98 -2.41
N ARG D 89 15.93 6.01 -2.87
CA ARG D 89 16.83 7.07 -2.59
C ARG D 89 16.75 8.07 -3.70
N PRO D 90 16.37 9.33 -3.47
CA PRO D 90 16.22 10.30 -4.56
C PRO D 90 17.54 10.57 -5.24
N THR D 91 17.53 10.77 -6.55
CA THR D 91 18.72 11.17 -7.31
C THR D 91 18.36 12.13 -8.41
N GLY D 92 19.35 12.57 -9.20
CA GLY D 92 19.19 13.55 -10.22
C GLY D 92 20.45 13.62 -11.06
N THR D 93 20.67 14.79 -11.66
CA THR D 93 21.89 15.02 -12.47
C THR D 93 23.09 15.07 -11.48
N TYR D 94 24.01 14.12 -11.63
CA TYR D 94 25.12 14.02 -10.70
C TYR D 94 26.15 15.07 -10.98
N LYS D 95 26.52 15.84 -9.97
CA LYS D 95 27.48 16.91 -10.12
C LYS D 95 28.77 16.62 -9.42
N GLY D 96 28.84 15.64 -8.49
CA GLY D 96 29.93 15.57 -7.50
C GLY D 96 29.59 14.87 -6.16
N THR D 97 30.56 14.82 -5.24
CA THR D 97 30.28 14.35 -3.92
C THR D 97 30.93 15.26 -2.93
N VAL D 98 30.44 15.23 -1.68
CA VAL D 98 30.97 16.03 -0.55
C VAL D 98 30.91 15.15 0.71
N LYS D 99 31.95 15.22 1.54
CA LYS D 99 31.99 14.53 2.82
C LYS D 99 31.62 15.59 3.82
N SER D 100 30.75 15.21 4.74
CA SER D 100 30.31 16.06 5.87
C SER D 100 29.68 15.22 6.98
N ASP D 101 29.96 15.53 8.22
CA ASP D 101 29.29 14.94 9.32
C ASP D 101 29.32 13.40 9.30
N GLY D 102 30.45 12.83 8.91
CA GLY D 102 30.66 11.39 8.93
C GLY D 102 30.09 10.63 7.70
N GLY D 103 29.44 11.38 6.80
CA GLY D 103 28.81 10.85 5.65
C GLY D 103 29.39 11.37 4.35
N THR D 104 29.26 10.57 3.33
CA THR D 104 29.50 10.98 1.98
C THR D 104 28.15 11.12 1.27
N TYR D 105 27.98 12.27 0.64
CA TYR D 105 26.74 12.67 -0.03
C TYR D 105 27.03 12.90 -1.48
N ASP D 106 26.12 12.45 -2.37
CA ASP D 106 26.23 12.72 -3.78
C ASP D 106 25.49 14.09 -4.02
N ILE D 107 25.93 14.88 -5.00
CA ILE D 107 25.33 16.20 -5.23
C ILE D 107 24.59 16.06 -6.51
N TYR D 108 23.37 16.52 -6.52
CA TYR D 108 22.59 16.41 -7.74
C TYR D 108 21.91 17.74 -7.94
N THR D 109 21.64 18.09 -9.21
CA THR D 109 20.67 19.14 -9.52
C THR D 109 19.55 18.57 -10.38
N THR D 110 18.41 19.24 -10.35
CA THR D 110 17.12 18.81 -10.95
C THR D 110 16.51 20.18 -11.27
N THR D 111 15.63 20.27 -12.25
CA THR D 111 14.96 21.54 -12.56
C THR D 111 13.42 21.35 -12.62
N ARG D 112 12.71 22.37 -12.16
CA ARG D 112 11.26 22.36 -12.08
C ARG D 112 10.74 23.52 -12.93
N TYR D 113 9.80 23.23 -13.83
CA TYR D 113 9.20 24.21 -14.73
C TYR D 113 7.70 24.45 -14.39
N ASN D 114 7.29 25.70 -14.53
CA ASN D 114 5.95 26.13 -14.13
C ASN D 114 5.42 25.26 -13.00
N ALA D 115 6.17 25.20 -11.93
CA ALA D 115 5.94 24.37 -10.75
C ALA D 115 5.68 25.27 -9.56
N PRO D 116 5.05 24.77 -8.51
CA PRO D 116 4.89 25.50 -7.27
C PRO D 116 6.15 25.90 -6.62
N SER D 117 6.13 26.99 -5.85
CA SER D 117 7.28 27.41 -5.07
C SER D 117 6.83 28.38 -4.03
N ILE D 118 7.78 28.92 -3.27
CA ILE D 118 7.48 30.04 -2.35
C ILE D 118 7.06 31.32 -3.12
N ASP D 119 7.27 31.38 -4.43
CA ASP D 119 6.99 32.60 -5.24
C ASP D 119 5.64 32.55 -5.96
N GLY D 120 4.98 31.41 -5.98
CA GLY D 120 3.85 31.24 -6.87
C GLY D 120 3.65 29.80 -7.39
N ASP D 121 2.47 29.57 -7.92
CA ASP D 121 1.91 28.27 -8.26
C ASP D 121 2.60 27.78 -9.54
N ARG D 122 3.15 28.72 -10.31
CA ARG D 122 3.74 28.46 -11.62
C ARG D 122 5.08 29.20 -11.79
N THR D 123 6.14 28.49 -11.55
CA THR D 123 7.41 29.10 -11.26
C THR D 123 8.53 28.13 -11.73
N THR D 124 9.69 28.67 -12.05
CA THR D 124 10.76 27.89 -12.62
C THR D 124 12.03 28.05 -11.80
N PHE D 125 12.64 26.94 -11.42
CA PHE D 125 13.75 26.96 -10.50
C PHE D 125 14.54 25.68 -10.55
N THR D 126 15.74 25.75 -10.02
CA THR D 126 16.65 24.65 -9.99
C THR D 126 16.58 24.15 -8.57
N GLN D 127 16.65 22.84 -8.39
CA GLN D 127 16.77 22.25 -7.05
C GLN D 127 18.17 21.73 -6.87
N TYR D 128 18.79 21.90 -5.71
CA TYR D 128 20.13 21.38 -5.44
C TYR D 128 19.98 20.30 -4.37
N TRP D 129 20.65 19.19 -4.50
CA TRP D 129 20.49 18.16 -3.51
C TRP D 129 21.88 17.68 -3.12
N SER D 130 22.04 17.44 -1.84
CA SER D 130 23.05 16.53 -1.35
C SER D 130 22.26 15.36 -0.81
N VAL D 131 22.54 14.15 -1.29
CA VAL D 131 21.82 12.98 -0.84
C VAL D 131 22.88 12.03 -0.35
N ARG D 132 22.77 11.58 0.89
CA ARG D 132 23.81 10.73 1.48
C ARG D 132 23.89 9.38 0.70
N GLN D 133 25.09 8.79 0.59
CA GLN D 133 25.27 7.54 -0.21
C GLN D 133 24.65 6.33 0.39
N SER D 134 24.52 6.29 1.68
CA SER D 134 23.73 5.28 2.35
C SER D 134 23.03 5.98 3.49
N LYS D 135 22.03 5.32 4.09
CA LYS D 135 21.14 5.96 5.07
C LYS D 135 21.87 6.31 6.30
N ARG D 136 21.54 7.43 6.86
CA ARG D 136 22.24 7.84 8.02
C ARG D 136 21.58 7.11 9.14
N PRO D 137 22.35 6.54 10.07
CA PRO D 137 21.73 6.06 11.30
C PRO D 137 20.95 7.17 12.00
N THR D 138 19.85 6.77 12.65
CA THR D 138 18.98 7.64 13.40
C THR D 138 18.92 7.20 14.83
N GLY D 139 18.50 8.05 15.75
CA GLY D 139 18.43 7.66 17.17
C GLY D 139 19.38 8.44 18.04
N SER D 140 20.47 8.89 17.45
CA SER D 140 21.41 9.78 18.11
C SER D 140 21.44 11.19 17.55
N ASN D 141 22.10 12.05 18.32
CA ASN D 141 22.22 13.43 17.90
C ASN D 141 23.00 13.47 16.65
N ALA D 142 22.53 14.29 15.72
CA ALA D 142 23.20 14.30 14.44
C ALA D 142 23.36 15.74 13.97
N THR D 143 24.47 15.97 13.33
CA THR D 143 24.77 17.28 12.79
C THR D 143 24.68 17.31 11.30
N ILE D 144 24.06 18.37 10.77
CA ILE D 144 24.25 18.74 9.34
C ILE D 144 24.96 20.06 9.33
N THR D 145 26.20 20.03 8.90
CA THR D 145 27.02 21.24 8.83
C THR D 145 26.71 21.79 7.48
N PHE D 146 25.63 22.58 7.44
CA PHE D 146 25.12 23.05 6.18
C PHE D 146 26.18 23.72 5.33
N THR D 147 27.19 24.37 5.94
CA THR D 147 28.22 25.10 5.17
C THR D 147 29.01 24.24 4.29
N ASN D 148 29.33 23.07 4.77
CA ASN D 148 30.02 22.08 3.89
C ASN D 148 29.26 21.87 2.63
N HIS D 149 27.92 21.82 2.73
CA HIS D 149 27.07 21.55 1.60
C HIS D 149 27.04 22.73 0.69
N VAL D 150 26.84 23.90 1.29
CA VAL D 150 26.89 25.16 0.53
C VAL D 150 28.24 25.27 -0.15
N ASN D 151 29.36 25.03 0.53
CA ASN D 151 30.68 25.20 -0.18
C ASN D 151 30.89 24.23 -1.32
N ALA D 152 30.50 22.98 -1.12
CA ALA D 152 30.59 21.96 -2.16
C ALA D 152 29.75 22.30 -3.35
N TRP D 153 28.55 22.78 -3.13
CA TRP D 153 27.64 23.11 -4.19
C TRP D 153 28.19 24.31 -4.94
N LYS D 154 28.71 25.31 -4.21
CA LYS D 154 29.41 26.44 -4.85
C LYS D 154 30.58 25.97 -5.67
N SER D 155 31.40 25.06 -5.16
CA SER D 155 32.52 24.53 -5.96
C SER D 155 32.08 23.74 -7.22
N HIS D 156 30.80 23.47 -7.36
CA HIS D 156 30.27 22.81 -8.59
C HIS D 156 29.38 23.77 -9.44
N GLY D 157 29.59 25.10 -9.40
CA GLY D 157 28.72 26.00 -10.15
C GLY D 157 27.30 26.16 -9.59
N MET D 158 27.05 25.66 -8.38
CA MET D 158 25.74 25.70 -7.78
C MET D 158 25.63 26.76 -6.66
N ASN D 159 25.26 27.97 -7.06
CA ASN D 159 25.18 29.11 -6.16
C ASN D 159 23.76 29.29 -5.75
N LEU D 160 23.65 29.60 -4.50
CA LEU D 160 22.38 29.84 -3.86
C LEU D 160 22.10 31.32 -3.90
N GLY D 161 20.83 31.67 -3.75
CA GLY D 161 20.41 33.05 -3.78
C GLY D 161 20.84 33.79 -2.52
N SER D 162 20.83 35.13 -2.59
CA SER D 162 21.30 36.01 -1.50
C SER D 162 20.19 36.21 -0.52
N ASN D 163 18.99 35.78 -0.84
CA ASN D 163 18.00 35.94 0.21
C ASN D 163 17.12 34.73 0.66
N TRP D 164 17.21 34.48 1.96
CA TRP D 164 17.05 33.18 2.53
C TRP D 164 15.62 33.12 3.01
N ALA D 165 14.89 32.04 2.66
CA ALA D 165 13.57 31.88 3.22
C ALA D 165 13.71 30.64 4.13
N TYR D 166 12.68 29.81 4.22
CA TYR D 166 12.68 28.84 5.32
C TYR D 166 13.68 27.70 5.11
N GLN D 167 13.96 26.99 6.18
CA GLN D 167 15.01 26.01 6.21
C GLN D 167 14.53 25.06 7.31
N VAL D 168 14.09 23.85 6.92
CA VAL D 168 13.49 22.94 7.88
C VAL D 168 14.08 21.60 7.83
N MET D 169 14.04 20.94 8.99
CA MET D 169 14.38 19.56 9.06
C MET D 169 13.08 18.79 8.83
N ALA D 170 12.97 18.16 7.66
CA ALA D 170 11.69 17.63 7.34
C ALA D 170 11.59 16.11 7.21
N THR D 171 10.36 15.68 7.38
CA THR D 171 9.89 14.38 7.08
C THR D 171 8.94 14.57 5.95
N GLU D 172 9.28 13.92 4.85
CA GLU D 172 8.44 13.89 3.68
C GLU D 172 7.98 12.43 3.50
N GLY D 173 6.76 12.27 3.15
CA GLY D 173 6.26 10.91 2.93
C GLY D 173 5.53 10.88 1.60
N TYR D 174 5.56 9.72 0.98
CA TYR D 174 4.73 9.59 -0.17
C TYR D 174 4.38 8.15 -0.60
N GLN D 175 3.12 7.98 -1.00
CA GLN D 175 2.54 6.67 -1.34
C GLN D 175 3.05 5.61 -0.38
N SER D 176 2.79 5.88 0.88
CA SER D 176 3.47 5.20 1.98
C SER D 176 2.76 5.41 3.31
N SER D 177 3.21 4.64 4.27
CA SER D 177 2.82 4.79 5.65
C SER D 177 4.06 5.00 6.47
N GLY D 178 3.94 5.37 7.72
CA GLY D 178 5.09 5.63 8.53
C GLY D 178 4.86 6.33 9.83
N SER D 179 5.95 6.37 10.60
CA SER D 179 6.11 7.19 11.81
C SER D 179 7.45 7.90 11.77
N SER D 180 7.47 9.09 12.34
CA SER D 180 8.66 9.91 12.46
C SER D 180 8.57 10.62 13.82
N ASN D 181 9.69 10.79 14.49
CA ASN D 181 9.78 11.65 15.66
C ASN D 181 11.20 12.23 15.65
N VAL D 182 11.26 13.55 15.48
CA VAL D 182 12.49 14.26 15.24
C VAL D 182 12.46 15.47 16.15
N THR D 183 13.58 15.72 16.75
CA THR D 183 13.79 16.88 17.58
C THR D 183 14.94 17.63 16.94
N VAL D 184 14.67 18.89 16.64
CA VAL D 184 15.58 19.78 15.98
C VAL D 184 16.01 20.83 16.98
N TRP D 185 17.30 21.15 16.94
CA TRP D 185 17.87 22.41 17.46
C TRP D 185 18.92 23.05 16.48
#